data_6JQ9
#
_entry.id   6JQ9
#
_cell.length_a   83.048
_cell.length_b   121.768
_cell.length_c   124.304
_cell.angle_alpha   90.000
_cell.angle_beta   90.000
_cell.angle_gamma   90.000
#
_symmetry.space_group_name_H-M   'P 21 21 21'
#
loop_
_entity.id
_entity.type
_entity.pdbx_description
1 polymer 'Short ulvan lyase'
2 non-polymer 'CALCIUM ION'
3 non-polymer 'SULFATE ION'
4 water water
#
_entity_poly.entity_id   1
_entity_poly.type   'polypeptide(L)'
_entity_poly.pdbx_seq_one_letter_code
;TSGVLLESQTKITDGALHFDGKKLNHNTFENPSKSQAYDYFFGRNISAHGDAVKPYKHFVFMTWYKGGKEERNVMLSRFN
TKTGVVKTIQFPHRHTGFRGDPLVGESHNTIGLAVSPLNGTIHMVYDMHAYVDDDETGRFKGRFVDDFFRYSFSVAGAAD
VPDDEFTLEQFVKDTSELSQGADDYKHLTMTGNLQDKENFSALTYPKFYTSDDGELLHYMRWGGNNNGAYYFNKYDAKNQ
KWTRFTPFNHKDQKTHGNAYNWGLYGQMKYINGKLRVGFQQRSANNDDRFKYQNGVYYAYSDHPDGLGNWKNVDGEDMTW
PLVNSDEIKIFEPGDYIDHTAPNSVHIVTGFDWTVTENDDVHFITHVRSTDTKRSDYKEVSIHAFKPANAVDFTITTDFT
GADSIYTSGDSIFIIGLKNGYPFVEKAKGGSNDFEVVYQQASGVKFDHGTIHIENGKAYYYLMEKGAGNALPLHLQVIDL
GVT
;
_entity_poly.pdbx_strand_id   A,B
#
loop_
_chem_comp.id
_chem_comp.type
_chem_comp.name
_chem_comp.formula
CA non-polymer 'CALCIUM ION' 'Ca 2'
SO4 non-polymer 'SULFATE ION' 'O4 S -2'
#
# COMPACT_ATOMS: atom_id res chain seq x y z
N SER A 2 -22.57 31.85 31.06
CA SER A 2 -21.78 31.59 29.80
C SER A 2 -20.28 31.44 30.15
N GLY A 3 -19.70 32.52 30.68
CA GLY A 3 -18.25 32.66 30.95
C GLY A 3 -17.47 33.07 29.72
N VAL A 4 -18.14 33.33 28.59
CA VAL A 4 -17.50 33.59 27.25
C VAL A 4 -17.22 35.08 27.06
N LEU A 5 -15.96 35.45 26.83
CA LEU A 5 -15.61 36.88 26.66
C LEU A 5 -14.20 37.04 26.10
N LEU A 6 -13.86 38.26 25.71
CA LEU A 6 -12.61 38.57 24.95
C LEU A 6 -11.48 38.83 25.96
N GLU A 7 -10.46 37.98 25.97
CA GLU A 7 -9.34 38.03 26.93
C GLU A 7 -8.32 39.05 26.43
N SER A 8 -8.17 39.17 25.10
CA SER A 8 -7.15 40.06 24.48
C SER A 8 -7.42 40.17 22.98
N GLN A 9 -7.16 41.36 22.43
CA GLN A 9 -6.98 41.61 20.98
C GLN A 9 -5.64 42.30 20.77
N THR A 10 -4.81 41.72 19.91
CA THR A 10 -3.45 42.21 19.56
C THR A 10 -3.35 42.36 18.05
N LYS A 11 -2.88 43.50 17.55
CA LYS A 11 -2.56 43.68 16.12
C LYS A 11 -1.22 42.99 15.81
N ILE A 12 -1.17 42.14 14.79
CA ILE A 12 0.06 41.36 14.44
C ILE A 12 0.82 42.11 13.35
N THR A 13 0.12 42.81 12.47
CA THR A 13 0.69 43.51 11.30
C THR A 13 -0.40 44.34 10.64
N ASP A 14 0.03 45.40 9.96
CA ASP A 14 -0.82 46.31 9.17
C ASP A 14 -0.89 45.80 7.74
N GLY A 15 -0.04 44.84 7.35
CA GLY A 15 0.14 44.52 5.92
C GLY A 15 0.33 43.04 5.63
N ALA A 16 -0.76 42.25 5.64
CA ALA A 16 -0.78 40.85 5.11
C ALA A 16 -1.45 40.81 3.72
N LEU A 17 -1.14 39.77 2.94
CA LEU A 17 -1.61 39.62 1.54
C LEU A 17 -3.11 39.30 1.54
N HIS A 18 -3.86 39.89 0.60
CA HIS A 18 -5.28 39.60 0.32
C HIS A 18 -5.51 39.84 -1.19
N PHE A 19 -6.31 39.02 -1.88
CA PHE A 19 -6.57 39.21 -3.34
C PHE A 19 -7.74 40.18 -3.51
N ASP A 20 -7.44 41.44 -3.76
CA ASP A 20 -8.41 42.57 -3.92
C ASP A 20 -8.85 42.78 -5.38
N GLY A 21 -8.36 41.98 -6.35
CA GLY A 21 -8.64 42.11 -7.80
C GLY A 21 -9.88 41.37 -8.22
N LYS A 22 -9.94 40.82 -9.45
CA LYS A 22 -11.15 40.07 -9.90
C LYS A 22 -10.88 38.56 -10.05
N LYS A 23 -11.99 37.83 -10.04
CA LYS A 23 -12.05 36.36 -10.21
C LYS A 23 -11.87 36.05 -11.69
N LEU A 24 -10.79 35.34 -12.01
CA LEU A 24 -10.52 34.81 -13.37
C LEU A 24 -11.15 33.42 -13.48
N ASN A 25 -11.14 32.90 -14.68
CA ASN A 25 -11.64 31.53 -14.89
C ASN A 25 -10.77 30.87 -15.95
N HIS A 26 -11.23 29.75 -16.47
CA HIS A 26 -10.42 29.02 -17.49
C HIS A 26 -10.16 29.93 -18.70
N ASN A 27 -11.17 30.69 -19.11
CA ASN A 27 -11.12 31.63 -20.25
C ASN A 27 -10.20 32.83 -20.02
N THR A 28 -9.99 33.28 -18.78
CA THR A 28 -9.24 34.56 -18.59
C THR A 28 -7.97 34.46 -17.73
N PHE A 29 -7.62 33.30 -17.20
CA PHE A 29 -6.51 33.19 -16.21
C PHE A 29 -5.14 33.39 -16.87
N GLU A 30 -5.02 33.21 -18.19
CA GLU A 30 -3.77 33.46 -18.95
C GLU A 30 -3.58 34.98 -19.18
N ASN A 31 -4.60 35.81 -18.92
CA ASN A 31 -4.45 37.29 -19.00
C ASN A 31 -4.89 37.99 -17.71
N PRO A 32 -4.13 37.88 -16.58
CA PRO A 32 -4.48 38.59 -15.35
C PRO A 32 -4.08 40.06 -15.40
N SER A 33 -4.73 40.93 -14.61
CA SER A 33 -4.40 42.37 -14.48
C SER A 33 -2.94 42.51 -14.05
N LYS A 34 -2.20 43.44 -14.66
CA LYS A 34 -0.83 43.80 -14.24
C LYS A 34 -0.86 45.09 -13.41
N SER A 35 -2.05 45.63 -13.15
CA SER A 35 -2.28 46.92 -12.43
C SER A 35 -2.13 46.71 -10.91
N GLN A 36 -2.70 47.60 -10.09
CA GLN A 36 -2.52 47.62 -8.62
C GLN A 36 -3.26 46.43 -7.99
N ALA A 37 -4.45 46.11 -8.50
CA ALA A 37 -5.39 45.03 -8.08
C ALA A 37 -4.78 43.64 -8.27
N TYR A 38 -5.09 42.70 -7.37
CA TYR A 38 -4.56 41.31 -7.39
C TYR A 38 -5.68 40.34 -7.75
N ASP A 39 -5.72 39.88 -9.01
CA ASP A 39 -6.71 38.89 -9.50
C ASP A 39 -6.39 37.50 -8.93
N TYR A 40 -7.36 36.60 -8.98
CA TYR A 40 -7.41 35.32 -8.23
C TYR A 40 -8.36 34.37 -8.96
N PHE A 41 -8.15 33.07 -8.79
CA PHE A 41 -8.82 31.99 -9.54
C PHE A 41 -9.89 31.31 -8.67
N PHE A 42 -9.69 31.16 -7.34
CA PHE A 42 -10.70 30.59 -6.40
C PHE A 42 -11.24 31.69 -5.48
N GLY A 43 -10.61 31.84 -4.31
CA GLY A 43 -11.02 32.73 -3.22
C GLY A 43 -10.05 33.87 -3.06
N ARG A 44 -10.53 34.91 -2.43
CA ARG A 44 -9.58 36.08 -2.13
CA ARG A 44 -9.58 36.00 -2.12
C ARG A 44 -8.69 35.90 -0.82
N ASN A 45 -8.99 34.80 -0.08
CA ASN A 45 -8.35 34.70 1.26
C ASN A 45 -7.07 33.90 1.16
N ILE A 46 -5.98 34.36 1.76
CA ILE A 46 -4.70 33.59 1.76
C ILE A 46 -3.99 33.78 3.10
N SER A 47 -4.20 34.91 3.77
CA SER A 47 -3.64 35.20 5.11
C SER A 47 -4.73 35.03 6.17
N ALA A 48 -4.40 34.64 7.42
CA ALA A 48 -5.41 34.27 8.43
C ALA A 48 -6.36 33.22 7.83
N HIS A 49 -5.78 32.15 7.26
CA HIS A 49 -6.42 31.08 6.47
C HIS A 49 -5.64 29.76 6.61
N GLY A 50 -6.34 28.67 6.84
CA GLY A 50 -5.70 27.36 7.04
C GLY A 50 -5.15 27.25 8.45
N ASP A 51 -4.18 26.35 8.62
CA ASP A 51 -3.65 25.94 9.95
C ASP A 51 -2.52 26.90 10.29
N ALA A 52 -2.86 28.19 10.41
CA ALA A 52 -1.91 29.34 10.48
C ALA A 52 -1.77 29.93 11.90
N VAL A 53 -2.31 29.31 12.94
CA VAL A 53 -2.21 29.84 14.34
C VAL A 53 -2.09 28.76 15.42
N LYS A 54 -1.02 28.81 16.21
CA LYS A 54 -0.74 27.74 17.21
C LYS A 54 -0.18 28.36 18.49
N PRO A 55 -0.82 28.08 19.62
CA PRO A 55 -0.30 28.52 20.91
C PRO A 55 0.80 27.54 21.29
N TYR A 56 1.82 28.01 21.98
CA TYR A 56 2.91 27.17 22.56
C TYR A 56 3.35 27.82 23.88
N LYS A 57 3.11 27.16 25.01
CA LYS A 57 3.43 27.70 26.36
C LYS A 57 2.72 29.05 26.46
N HIS A 58 3.45 30.14 26.70
CA HIS A 58 2.90 31.52 26.81
C HIS A 58 2.97 32.29 25.48
N PHE A 59 3.38 31.66 24.40
CA PHE A 59 3.41 32.33 23.06
C PHE A 59 2.21 31.91 22.20
N VAL A 60 1.89 32.73 21.19
CA VAL A 60 1.09 32.34 19.99
C VAL A 60 1.94 32.51 18.73
N PHE A 61 2.10 31.47 17.90
CA PHE A 61 2.81 31.55 16.62
C PHE A 61 1.76 31.72 15.52
N MET A 62 2.07 32.54 14.55
CA MET A 62 1.12 32.81 13.44
C MET A 62 1.89 32.91 12.14
N THR A 63 1.33 32.39 11.05
CA THR A 63 1.89 32.51 9.69
C THR A 63 0.98 33.42 8.86
N TRP A 64 1.56 34.09 7.87
CA TRP A 64 0.79 34.94 6.94
C TRP A 64 1.71 35.25 5.77
N TYR A 65 1.13 35.78 4.69
CA TYR A 65 1.97 36.19 3.56
C TYR A 65 2.08 37.70 3.66
N LYS A 66 3.24 38.22 3.33
CA LYS A 66 3.48 39.66 3.46
C LYS A 66 2.70 40.39 2.38
N GLY A 67 2.05 41.42 2.87
CA GLY A 67 1.22 42.31 2.07
C GLY A 67 2.06 43.14 1.16
N GLY A 68 1.39 43.34 0.03
CA GLY A 68 1.75 43.93 -1.24
C GLY A 68 1.66 42.85 -2.30
N LYS A 69 0.84 43.06 -3.32
CA LYS A 69 0.83 42.18 -4.50
C LYS A 69 2.26 41.91 -4.96
N GLU A 70 3.17 42.86 -4.76
CA GLU A 70 4.61 42.71 -5.16
C GLU A 70 5.52 42.08 -4.07
N GLU A 71 5.00 41.68 -2.90
CA GLU A 71 5.82 41.21 -1.75
C GLU A 71 5.65 39.68 -1.60
N ARG A 72 4.64 39.25 -0.85
CA ARG A 72 4.07 37.88 -0.84
C ARG A 72 4.97 36.94 -0.06
N ASN A 73 5.92 37.48 0.70
CA ASN A 73 6.88 36.65 1.48
C ASN A 73 6.13 35.80 2.52
N VAL A 74 6.51 34.52 2.65
CA VAL A 74 6.11 33.69 3.81
C VAL A 74 6.67 34.38 5.08
N MET A 75 5.80 34.56 6.06
CA MET A 75 6.12 35.21 7.36
C MET A 75 5.71 34.32 8.53
N LEU A 76 6.50 34.39 9.60
CA LEU A 76 6.23 33.71 10.88
C LEU A 76 6.38 34.74 11.99
N SER A 77 5.30 34.99 12.73
CA SER A 77 5.32 35.86 13.94
C SER A 77 5.20 35.02 15.22
N ARG A 78 5.93 35.43 16.26
CA ARG A 78 5.74 34.93 17.64
C ARG A 78 5.23 36.09 18.51
N PHE A 79 4.08 35.88 19.13
CA PHE A 79 3.46 36.81 20.08
C PHE A 79 3.72 36.28 21.49
N ASN A 80 4.45 37.05 22.30
CA ASN A 80 4.62 36.81 23.75
C ASN A 80 3.40 37.41 24.47
N THR A 81 2.45 36.57 24.88
CA THR A 81 1.18 37.04 25.48
C THR A 81 1.47 37.78 26.79
N LYS A 82 2.68 37.62 27.36
CA LYS A 82 3.05 38.20 28.69
C LYS A 82 3.61 39.61 28.48
N THR A 83 4.48 39.78 27.48
CA THR A 83 5.24 41.03 27.24
C THR A 83 4.52 41.86 26.18
N GLY A 84 3.69 41.24 25.33
CA GLY A 84 2.93 41.90 24.25
C GLY A 84 3.73 41.98 22.98
N VAL A 85 4.96 41.44 22.97
CA VAL A 85 5.93 41.61 21.86
C VAL A 85 5.59 40.62 20.74
N VAL A 86 5.42 41.16 19.54
CA VAL A 86 5.36 40.42 18.24
C VAL A 86 6.73 40.51 17.62
N LYS A 87 7.36 39.37 17.35
CA LYS A 87 8.65 39.29 16.64
C LYS A 87 8.42 38.44 15.40
N THR A 88 8.74 38.97 14.22
CA THR A 88 8.40 38.40 12.89
C THR A 88 9.67 37.97 12.13
N ILE A 89 9.59 36.80 11.53
CA ILE A 89 10.67 36.27 10.67
C ILE A 89 10.14 36.38 9.24
N GLN A 90 10.90 37.01 8.35
CA GLN A 90 10.58 37.06 6.90
C GLN A 90 11.37 35.98 6.16
N PHE A 91 10.66 35.05 5.50
CA PHE A 91 11.24 33.95 4.69
C PHE A 91 11.44 34.45 3.25
N PRO A 92 12.40 33.87 2.51
CA PRO A 92 12.62 34.27 1.12
C PRO A 92 11.50 33.88 0.15
N HIS A 93 10.81 32.78 0.44
CA HIS A 93 9.80 32.22 -0.49
C HIS A 93 8.65 33.20 -0.57
N ARG A 94 8.14 33.45 -1.78
CA ARG A 94 7.05 34.39 -2.05
C ARG A 94 5.94 33.63 -2.79
N HIS A 95 4.68 33.88 -2.43
CA HIS A 95 3.49 33.21 -3.03
C HIS A 95 3.64 33.10 -4.55
N THR A 96 3.57 31.87 -5.07
CA THR A 96 3.80 31.56 -6.52
C THR A 96 2.52 31.46 -7.32
N GLY A 97 1.34 31.52 -6.71
CA GLY A 97 0.09 31.87 -7.42
C GLY A 97 -0.49 30.67 -8.17
N PHE A 98 -1.55 30.87 -8.93
CA PHE A 98 -2.29 29.77 -9.61
C PHE A 98 -1.37 29.12 -10.66
N ARG A 99 -1.06 27.85 -10.43
CA ARG A 99 -0.14 27.04 -11.28
C ARG A 99 1.20 27.76 -11.47
N GLY A 100 1.63 28.53 -10.49
CA GLY A 100 2.96 29.15 -10.47
C GLY A 100 3.02 30.48 -11.21
N ASP A 101 1.88 31.08 -11.54
CA ASP A 101 1.78 32.48 -12.03
C ASP A 101 1.47 33.40 -10.84
N PRO A 102 2.40 34.24 -10.37
CA PRO A 102 2.21 34.99 -9.14
C PRO A 102 1.27 36.20 -9.35
N LEU A 103 0.82 36.43 -10.60
CA LEU A 103 -0.21 37.45 -10.93
C LEU A 103 -1.61 36.92 -10.67
N VAL A 104 -1.78 35.62 -10.36
CA VAL A 104 -3.14 35.04 -10.07
C VAL A 104 -3.13 34.43 -8.66
N GLY A 105 -3.80 35.09 -7.69
CA GLY A 105 -3.85 34.65 -6.29
C GLY A 105 -4.43 33.25 -6.17
N GLU A 106 -3.85 32.39 -5.31
CA GLU A 106 -4.28 30.97 -5.18
C GLU A 106 -4.65 30.74 -3.71
N SER A 107 -5.94 30.77 -3.34
CA SER A 107 -6.43 30.67 -1.93
C SER A 107 -6.19 29.28 -1.32
N HIS A 108 -5.80 28.28 -2.10
CA HIS A 108 -5.52 26.94 -1.56
C HIS A 108 -4.19 26.94 -0.79
N ASN A 109 -3.35 27.96 -1.01
CA ASN A 109 -1.86 27.90 -0.78
C ASN A 109 -1.50 28.42 0.64
N THR A 110 -2.20 27.91 1.63
CA THR A 110 -2.08 28.35 3.04
C THR A 110 -0.70 27.96 3.60
N ILE A 111 -0.31 28.54 4.72
CA ILE A 111 0.93 28.20 5.48
C ILE A 111 0.53 27.48 6.76
N GLY A 112 0.61 26.16 6.76
CA GLY A 112 0.33 25.31 7.91
C GLY A 112 1.51 25.31 8.86
N LEU A 113 1.23 25.36 10.18
CA LEU A 113 2.21 25.67 11.23
C LEU A 113 2.07 24.65 12.37
N ALA A 114 3.17 24.29 13.01
CA ALA A 114 3.16 23.48 14.26
C ALA A 114 4.45 23.72 15.03
N VAL A 115 4.37 23.50 16.34
CA VAL A 115 5.57 23.58 17.21
C VAL A 115 5.59 22.32 18.04
N SER A 116 6.68 21.55 17.99
CA SER A 116 6.91 20.34 18.82
C SER A 116 7.00 20.76 20.30
N PRO A 117 6.13 20.27 21.20
CA PRO A 117 6.30 20.51 22.64
C PRO A 117 7.44 19.66 23.23
N LEU A 118 7.96 18.69 22.47
CA LEU A 118 9.00 17.75 22.96
C LEU A 118 10.40 18.36 22.73
N ASN A 119 10.63 19.09 21.63
CA ASN A 119 11.99 19.61 21.39
C ASN A 119 11.98 21.08 20.97
N GLY A 120 10.82 21.72 20.93
CA GLY A 120 10.69 23.16 20.63
C GLY A 120 11.04 23.49 19.19
N THR A 121 10.98 22.53 18.28
CA THR A 121 11.13 22.79 16.82
C THR A 121 9.85 23.42 16.26
N ILE A 122 10.02 24.15 15.16
CA ILE A 122 8.92 24.81 14.41
C ILE A 122 8.87 24.21 12.99
N HIS A 123 7.67 23.97 12.48
CA HIS A 123 7.42 23.30 11.18
C HIS A 123 6.44 24.15 10.39
N MET A 124 6.70 24.34 9.11
CA MET A 124 5.79 25.06 8.20
C MET A 124 5.77 24.26 6.90
N VAL A 125 4.58 24.04 6.36
CA VAL A 125 4.35 23.46 5.01
C VAL A 125 3.41 24.44 4.32
N TYR A 126 3.82 24.93 3.15
CA TYR A 126 3.20 26.16 2.63
C TYR A 126 3.21 26.16 1.11
N ASP A 127 2.27 26.94 0.58
CA ASP A 127 2.15 27.36 -0.84
C ASP A 127 2.11 26.15 -1.79
N MET A 128 1.13 25.26 -1.59
CA MET A 128 1.03 23.96 -2.30
C MET A 128 -0.39 23.73 -2.81
N HIS A 129 -0.54 23.37 -4.09
CA HIS A 129 -1.82 22.91 -4.68
C HIS A 129 -1.55 21.81 -5.70
N ALA A 130 -1.24 20.61 -5.21
CA ALA A 130 -1.15 19.35 -6.00
C ALA A 130 0.02 19.40 -6.99
N TYR A 131 1.10 20.05 -6.64
CA TYR A 131 2.23 20.26 -7.58
C TYR A 131 3.02 18.97 -7.74
N VAL A 132 3.62 18.79 -8.92
CA VAL A 132 4.55 17.68 -9.25
C VAL A 132 5.71 18.22 -10.09
N ASP A 133 6.76 17.42 -10.24
CA ASP A 133 7.78 17.66 -11.30
C ASP A 133 7.08 17.44 -12.65
N ASP A 134 7.10 18.44 -13.54
CA ASP A 134 6.61 18.27 -14.94
C ASP A 134 7.47 19.15 -15.87
N ASP A 135 7.11 19.24 -17.16
CA ASP A 135 7.92 19.99 -18.16
C ASP A 135 7.05 21.08 -18.78
N GLU A 136 7.64 21.89 -19.69
CA GLU A 136 6.99 23.01 -20.42
C GLU A 136 5.59 22.58 -20.90
N THR A 137 5.40 21.32 -21.29
CA THR A 137 4.13 20.81 -21.86
C THR A 137 3.13 20.49 -20.75
N GLY A 138 3.57 20.52 -19.49
CA GLY A 138 2.71 20.13 -18.35
C GLY A 138 1.78 21.27 -17.98
N ARG A 139 0.77 20.96 -17.18
CA ARG A 139 -0.16 21.92 -16.59
C ARG A 139 0.61 22.98 -15.79
N PHE A 140 1.72 22.62 -15.15
CA PHE A 140 2.49 23.53 -14.25
C PHE A 140 3.65 24.15 -15.03
N LYS A 141 3.89 23.74 -16.28
CA LYS A 141 4.93 24.32 -17.20
C LYS A 141 6.33 24.28 -16.58
N GLY A 142 6.64 23.27 -15.74
CA GLY A 142 7.98 22.99 -15.16
C GLY A 142 8.29 23.86 -13.97
N ARG A 143 7.30 24.56 -13.43
CA ARG A 143 7.52 25.65 -12.44
C ARG A 143 7.80 25.09 -11.04
N PHE A 144 7.63 23.78 -10.84
CA PHE A 144 7.68 23.15 -9.49
C PHE A 144 8.74 22.06 -9.43
N VAL A 145 9.65 22.02 -10.40
CA VAL A 145 10.75 21.01 -10.42
C VAL A 145 11.58 21.20 -9.14
N ASP A 146 11.73 20.11 -8.41
CA ASP A 146 12.54 20.01 -7.16
C ASP A 146 11.94 20.91 -6.07
N ASP A 147 10.65 21.27 -6.15
CA ASP A 147 10.05 22.30 -5.25
C ASP A 147 8.52 22.13 -5.21
N PHE A 148 8.04 20.91 -5.40
CA PHE A 148 6.59 20.60 -5.49
C PHE A 148 5.97 20.31 -4.11
N PHE A 149 6.81 20.11 -3.09
CA PHE A 149 6.44 19.98 -1.68
C PHE A 149 7.38 20.96 -0.99
N ARG A 150 6.83 21.85 -0.14
CA ARG A 150 7.53 23.03 0.47
C ARG A 150 7.46 23.01 2.01
N TYR A 151 8.55 22.57 2.61
CA TYR A 151 8.67 22.37 4.08
C TYR A 151 9.84 23.20 4.60
N SER A 152 9.57 23.99 5.63
CA SER A 152 10.61 24.72 6.41
C SER A 152 10.53 24.28 7.89
N PHE A 153 11.67 24.20 8.53
CA PHE A 153 11.75 23.71 9.93
C PHE A 153 12.98 24.28 10.62
N SER A 154 12.94 24.35 11.95
CA SER A 154 13.98 25.00 12.74
C SER A 154 14.77 23.95 13.54
N VAL A 155 15.93 24.37 14.04
CA VAL A 155 16.70 23.57 15.03
C VAL A 155 15.87 23.44 16.31
N ALA A 156 16.20 22.44 17.12
CA ALA A 156 15.63 22.21 18.47
C ALA A 156 15.76 23.50 19.28
N GLY A 157 14.77 23.76 20.14
CA GLY A 157 14.75 24.89 21.09
C GLY A 157 14.37 26.24 20.46
N ALA A 158 14.21 26.35 19.14
CA ALA A 158 14.00 27.68 18.47
C ALA A 158 12.74 28.37 19.01
N ALA A 159 11.66 27.63 19.24
CA ALA A 159 10.37 28.23 19.65
C ALA A 159 10.54 29.05 20.92
N ASP A 160 11.56 28.73 21.75
CA ASP A 160 11.76 29.26 23.13
C ASP A 160 12.88 30.32 23.23
N VAL A 161 13.59 30.64 22.14
CA VAL A 161 14.77 31.56 22.23
C VAL A 161 14.28 32.96 22.59
N PRO A 162 15.15 33.85 23.10
CA PRO A 162 14.82 35.28 23.23
C PRO A 162 14.44 35.94 21.91
N ASP A 163 13.65 37.02 21.96
CA ASP A 163 13.15 37.74 20.74
C ASP A 163 14.31 38.06 19.79
N ASP A 164 15.44 38.54 20.34
CA ASP A 164 16.69 38.91 19.62
C ASP A 164 17.14 37.75 18.73
N GLU A 165 17.13 36.54 19.30
CA GLU A 165 17.56 35.26 18.69
C GLU A 165 16.44 34.70 17.79
N PHE A 166 15.20 35.22 17.86
CA PHE A 166 14.07 34.67 17.07
C PHE A 166 14.18 35.19 15.63
N THR A 167 15.01 34.53 14.83
CA THR A 167 15.42 34.99 13.48
C THR A 167 15.41 33.80 12.51
N LEU A 168 15.51 34.10 11.20
CA LEU A 168 15.63 33.12 10.09
C LEU A 168 16.79 32.17 10.34
N GLU A 169 17.84 32.67 10.98
CA GLU A 169 19.07 31.89 11.26
C GLU A 169 18.71 30.68 12.15
N GLN A 170 17.51 30.59 12.75
CA GLN A 170 17.02 29.38 13.49
C GLN A 170 16.51 28.29 12.55
N PHE A 171 16.32 28.60 11.26
CA PHE A 171 15.72 27.67 10.26
C PHE A 171 16.79 26.99 9.41
N VAL A 172 16.55 25.72 9.08
CA VAL A 172 17.52 24.80 8.41
C VAL A 172 17.41 24.96 6.89
N LYS A 173 18.52 25.30 6.24
CA LYS A 173 18.54 25.51 4.77
C LYS A 173 18.54 24.15 4.05
N ASP A 174 18.03 24.14 2.83
CA ASP A 174 18.15 23.00 1.87
C ASP A 174 19.58 22.98 1.34
N THR A 175 20.39 22.00 1.76
CA THR A 175 21.78 21.77 1.29
C THR A 175 21.86 20.42 0.54
N SER A 176 20.72 19.85 0.17
CA SER A 176 20.55 18.67 -0.72
C SER A 176 21.16 18.92 -2.11
N GLU A 177 21.36 17.83 -2.87
CA GLU A 177 21.80 17.85 -4.29
C GLU A 177 20.78 18.67 -5.10
N LEU A 178 19.54 18.82 -4.62
CA LEU A 178 18.47 19.53 -5.38
C LEU A 178 18.31 20.98 -4.88
N SER A 179 19.14 21.43 -3.94
CA SER A 179 19.12 22.82 -3.40
C SER A 179 19.06 23.86 -4.55
N GLN A 180 18.17 24.84 -4.43
CA GLN A 180 18.13 25.98 -5.39
C GLN A 180 19.06 27.11 -4.89
N GLY A 181 19.82 26.90 -3.81
CA GLY A 181 20.96 27.78 -3.48
C GLY A 181 20.90 28.42 -2.09
N ALA A 182 21.64 29.52 -1.89
CA ALA A 182 22.03 30.03 -0.56
C ALA A 182 20.79 30.55 0.19
N ASP A 183 19.67 30.78 -0.49
CA ASP A 183 18.42 31.34 0.11
C ASP A 183 17.30 30.30 0.11
N ASP A 184 17.62 29.05 -0.23
CA ASP A 184 16.58 27.98 -0.33
C ASP A 184 16.37 27.36 1.05
N TYR A 185 15.20 27.62 1.66
CA TYR A 185 14.80 27.11 3.00
C TYR A 185 13.70 26.05 2.84
N LYS A 186 13.40 25.64 1.60
CA LYS A 186 12.26 24.73 1.29
C LYS A 186 12.78 23.32 1.01
N HIS A 187 12.42 22.38 1.89
CA HIS A 187 12.75 20.94 1.86
C HIS A 187 11.66 20.19 1.07
N LEU A 188 12.08 19.24 0.24
CA LEU A 188 11.15 18.55 -0.69
C LEU A 188 10.49 17.35 0.02
N THR A 189 11.07 16.87 1.12
CA THR A 189 10.51 15.79 1.96
C THR A 189 10.57 16.26 3.42
N MET A 190 9.74 15.68 4.24
CA MET A 190 9.80 15.87 5.70
C MET A 190 10.68 14.75 6.29
N THR A 191 11.11 13.77 5.48
CA THR A 191 11.91 12.63 5.99
C THR A 191 13.38 13.02 6.03
N GLY A 192 13.75 13.98 5.18
CA GLY A 192 15.16 14.41 5.02
C GLY A 192 15.90 13.49 4.09
N ASN A 193 15.19 12.55 3.49
CA ASN A 193 15.75 11.64 2.47
C ASN A 193 15.04 11.92 1.15
N LEU A 194 15.77 12.40 0.14
CA LEU A 194 15.19 12.69 -1.21
C LEU A 194 14.72 11.40 -1.90
N GLN A 195 15.19 10.23 -1.43
CA GLN A 195 14.73 8.91 -1.94
C GLN A 195 13.21 8.87 -1.84
N ASP A 196 12.63 9.63 -0.90
CA ASP A 196 11.19 9.65 -0.57
C ASP A 196 10.41 10.74 -1.35
N LYS A 197 10.97 11.44 -2.34
CA LYS A 197 10.28 12.63 -2.92
C LYS A 197 8.93 12.28 -3.54
N GLU A 198 8.76 11.14 -4.20
CA GLU A 198 7.48 10.80 -4.88
C GLU A 198 6.35 10.65 -3.85
N ASN A 199 6.67 10.26 -2.61
CA ASN A 199 5.67 10.02 -1.52
C ASN A 199 5.14 11.37 -1.05
N PHE A 200 5.84 12.44 -1.37
CA PHE A 200 5.52 13.85 -1.01
C PHE A 200 4.96 14.58 -2.25
N SER A 201 4.60 13.86 -3.31
CA SER A 201 4.17 14.45 -4.61
C SER A 201 2.65 14.70 -4.65
N ALA A 202 2.19 15.79 -5.29
CA ALA A 202 0.77 16.02 -5.64
C ALA A 202 -0.13 16.17 -4.41
N LEU A 203 0.30 16.95 -3.42
CA LEU A 203 -0.45 17.08 -2.15
C LEU A 203 -0.91 18.52 -1.95
N THR A 204 -1.98 18.70 -1.17
CA THR A 204 -2.63 20.01 -0.83
C THR A 204 -3.15 19.98 0.61
N TYR A 205 -3.26 21.16 1.29
CA TYR A 205 -3.94 21.43 2.61
C TYR A 205 -3.12 20.86 3.76
N PRO A 206 -2.06 21.58 4.17
CA PRO A 206 -1.24 21.12 5.29
C PRO A 206 -2.00 21.41 6.58
N LYS A 207 -2.06 20.40 7.43
CA LYS A 207 -2.79 20.48 8.71
C LYS A 207 -1.99 19.71 9.76
N PHE A 208 -1.76 20.32 10.92
CA PHE A 208 -0.99 19.67 12.00
C PHE A 208 -1.86 19.44 13.24
N TYR A 209 -1.51 18.42 14.03
CA TYR A 209 -2.14 18.12 15.33
C TYR A 209 -1.04 17.79 16.33
N THR A 210 -1.36 17.98 17.60
CA THR A 210 -0.46 17.57 18.72
C THR A 210 -1.13 16.43 19.49
N SER A 211 -0.50 15.26 19.55
CA SER A 211 -1.06 14.09 20.27
C SER A 211 -1.07 14.39 21.79
N ASP A 212 -1.88 13.64 22.53
CA ASP A 212 -1.95 13.74 24.03
C ASP A 212 -0.57 13.55 24.68
N ASP A 213 0.35 12.82 24.04
CA ASP A 213 1.74 12.59 24.54
C ASP A 213 2.71 13.55 23.84
N GLY A 214 2.21 14.56 23.11
CA GLY A 214 3.03 15.66 22.59
C GLY A 214 3.74 15.34 21.29
N GLU A 215 3.30 14.30 20.60
CA GLU A 215 3.76 13.92 19.24
C GLU A 215 3.01 14.79 18.22
N LEU A 216 3.71 15.31 17.24
CA LEU A 216 3.07 16.03 16.10
C LEU A 216 2.63 14.99 15.08
N LEU A 217 1.38 15.12 14.62
CA LEU A 217 0.79 14.45 13.45
C LEU A 217 0.51 15.53 12.42
N HIS A 218 0.49 15.13 11.15
CA HIS A 218 0.28 15.96 9.96
C HIS A 218 -0.50 15.13 8.96
N TYR A 219 -1.39 15.78 8.21
CA TYR A 219 -2.01 15.14 7.06
C TYR A 219 -2.31 16.18 5.99
N MET A 220 -2.32 15.70 4.76
CA MET A 220 -2.66 16.43 3.52
C MET A 220 -3.54 15.52 2.70
N ARG A 221 -3.98 16.03 1.53
CA ARG A 221 -5.06 15.53 0.70
C ARG A 221 -4.49 15.34 -0.72
N TRP A 222 -4.72 14.18 -1.31
CA TRP A 222 -4.41 13.88 -2.74
C TRP A 222 -5.68 13.87 -3.58
N GLY A 223 -5.59 14.37 -4.80
CA GLY A 223 -6.70 14.29 -5.75
C GLY A 223 -7.73 15.36 -5.47
N GLY A 224 -8.94 15.16 -5.96
CA GLY A 224 -10.01 16.17 -5.94
C GLY A 224 -11.27 15.58 -6.48
N ASN A 225 -12.35 16.35 -6.55
CA ASN A 225 -13.56 15.95 -7.30
C ASN A 225 -13.93 14.54 -6.84
N ASN A 226 -13.93 13.53 -7.73
CA ASN A 226 -14.57 12.24 -7.38
C ASN A 226 -13.50 11.19 -7.17
N ASN A 227 -12.25 11.58 -6.85
CA ASN A 227 -11.17 10.59 -6.68
C ASN A 227 -10.07 11.19 -5.81
N GLY A 228 -10.10 10.90 -4.47
CA GLY A 228 -9.19 11.53 -3.51
C GLY A 228 -8.77 10.56 -2.42
N ALA A 229 -7.72 10.93 -1.72
CA ALA A 229 -7.25 10.16 -0.56
C ALA A 229 -6.67 11.14 0.44
N TYR A 230 -6.76 10.81 1.74
CA TYR A 230 -6.01 11.49 2.80
C TYR A 230 -4.74 10.70 3.15
N TYR A 231 -3.65 11.41 3.39
CA TYR A 231 -2.31 10.83 3.73
C TYR A 231 -1.86 11.47 5.01
N PHE A 232 -1.29 10.68 5.94
CA PHE A 232 -0.91 11.23 7.26
C PHE A 232 0.49 10.73 7.59
N ASN A 233 1.20 11.48 8.44
CA ASN A 233 2.55 11.09 8.92
C ASN A 233 2.77 11.65 10.35
N LYS A 234 3.96 11.46 10.91
CA LYS A 234 4.19 11.70 12.36
C LYS A 234 5.61 12.21 12.54
N TYR A 235 5.82 13.07 13.55
CA TYR A 235 7.14 13.68 13.79
C TYR A 235 7.89 12.76 14.77
N ASP A 236 9.12 12.38 14.38
CA ASP A 236 10.10 11.62 15.21
C ASP A 236 11.02 12.68 15.83
N ALA A 237 10.64 13.14 17.03
CA ALA A 237 11.28 14.25 17.74
C ALA A 237 12.73 13.88 17.98
N LYS A 238 12.99 12.61 18.31
CA LYS A 238 14.34 12.17 18.72
C LYS A 238 15.30 12.29 17.54
N ASN A 239 14.87 11.88 16.34
CA ASN A 239 15.72 11.91 15.12
C ASN A 239 15.44 13.17 14.26
N GLN A 240 14.63 14.13 14.73
CA GLN A 240 14.33 15.43 14.03
C GLN A 240 14.06 15.13 12.57
N LYS A 241 13.05 14.29 12.33
CA LYS A 241 12.50 14.04 10.98
C LYS A 241 11.11 13.44 11.15
N TRP A 242 10.38 13.44 10.05
CA TRP A 242 9.02 12.84 9.96
C TRP A 242 9.09 11.49 9.24
N THR A 243 8.03 10.71 9.41
CA THR A 243 7.81 9.46 8.67
C THR A 243 7.27 9.81 7.29
N ARG A 244 7.31 8.83 6.41
CA ARG A 244 6.65 8.88 5.08
C ARG A 244 5.14 8.98 5.30
N PHE A 245 4.42 9.64 4.39
CA PHE A 245 2.94 9.60 4.30
C PHE A 245 2.42 8.16 4.13
N THR A 246 1.34 7.86 4.86
CA THR A 246 0.54 6.62 4.81
C THR A 246 -0.89 7.00 4.49
N PRO A 247 -1.56 6.23 3.61
CA PRO A 247 -2.94 6.52 3.19
C PRO A 247 -3.98 6.11 4.23
N PHE A 248 -5.06 6.89 4.32
CA PHE A 248 -6.27 6.52 5.10
C PHE A 248 -7.07 5.58 4.20
N ASN A 249 -7.19 5.96 2.92
CA ASN A 249 -8.00 5.20 1.92
C ASN A 249 -7.21 5.04 0.62
N HIS A 250 -7.53 4.05 -0.21
CA HIS A 250 -6.93 3.90 -1.57
C HIS A 250 -7.59 4.99 -2.42
N LYS A 251 -6.81 5.70 -3.22
CA LYS A 251 -7.32 6.39 -4.45
C LYS A 251 -7.65 5.30 -5.49
N ASP A 252 -8.30 5.69 -6.58
CA ASP A 252 -8.64 4.81 -7.72
C ASP A 252 -9.39 3.61 -7.12
N GLN A 253 -10.39 3.90 -6.31
CA GLN A 253 -11.05 2.83 -5.50
C GLN A 253 -11.66 1.79 -6.46
N LYS A 254 -12.07 2.16 -7.67
CA LYS A 254 -12.64 1.19 -8.62
C LYS A 254 -11.59 0.13 -9.01
N THR A 255 -10.29 0.43 -9.00
CA THR A 255 -9.23 -0.55 -9.37
C THR A 255 -8.87 -1.41 -8.14
N HIS A 256 -9.33 -1.00 -6.95
CA HIS A 256 -9.02 -1.70 -5.66
C HIS A 256 -10.25 -2.43 -5.16
N GLY A 257 -11.27 -2.54 -6.00
CA GLY A 257 -12.40 -3.48 -5.81
C GLY A 257 -13.73 -2.78 -5.63
N ASN A 258 -13.75 -1.45 -5.60
CA ASN A 258 -15.01 -0.71 -5.30
C ASN A 258 -15.80 -0.59 -6.60
N ALA A 259 -17.11 -0.31 -6.53
CA ALA A 259 -17.99 -0.09 -7.71
C ALA A 259 -17.72 1.25 -8.41
N TYR A 260 -17.17 2.22 -7.67
CA TYR A 260 -16.90 3.60 -8.16
C TYR A 260 -15.73 4.22 -7.41
N ASN A 261 -15.09 5.19 -8.05
CA ASN A 261 -14.15 6.11 -7.35
C ASN A 261 -14.96 7.05 -6.46
N TRP A 262 -14.36 7.50 -5.38
CA TRP A 262 -14.96 8.58 -4.57
C TRP A 262 -13.87 9.56 -4.15
N GLY A 263 -14.27 10.83 -3.97
CA GLY A 263 -13.49 11.84 -3.27
C GLY A 263 -13.98 11.99 -1.84
N LEU A 264 -13.17 12.63 -1.00
CA LEU A 264 -13.54 12.99 0.39
C LEU A 264 -13.68 14.50 0.56
N TYR A 265 -14.72 14.93 1.28
CA TYR A 265 -15.00 16.36 1.65
C TYR A 265 -15.29 16.44 3.15
N GLY A 266 -14.28 16.86 3.90
CA GLY A 266 -14.34 16.87 5.37
C GLY A 266 -12.94 16.86 5.93
N GLN A 267 -12.69 16.24 7.09
CA GLN A 267 -11.34 16.38 7.64
C GLN A 267 -10.90 15.18 8.48
N MET A 268 -9.59 14.98 8.56
CA MET A 268 -9.04 14.11 9.62
C MET A 268 -8.77 15.03 10.82
N LYS A 269 -8.96 14.57 12.06
CA LYS A 269 -8.72 15.40 13.26
C LYS A 269 -8.22 14.49 14.39
N TYR A 270 -7.16 14.93 15.08
CA TYR A 270 -6.75 14.22 16.30
C TYR A 270 -7.61 14.81 17.41
N ILE A 271 -8.53 14.03 17.94
CA ILE A 271 -9.60 14.57 18.81
C ILE A 271 -9.91 13.47 19.82
N ASN A 272 -9.95 13.88 21.08
CA ASN A 272 -10.35 13.02 22.19
C ASN A 272 -9.43 11.79 22.13
N GLY A 273 -8.14 12.02 21.84
CA GLY A 273 -7.02 11.11 22.13
C GLY A 273 -6.74 10.10 21.03
N LYS A 274 -7.36 10.26 19.86
CA LYS A 274 -7.20 9.33 18.71
C LYS A 274 -7.21 10.13 17.42
N LEU A 275 -6.52 9.63 16.40
CA LEU A 275 -6.70 10.13 15.02
C LEU A 275 -8.04 9.62 14.51
N ARG A 276 -8.84 10.52 13.96
CA ARG A 276 -10.21 10.19 13.55
C ARG A 276 -10.46 10.97 12.27
N VAL A 277 -11.54 10.63 11.60
CA VAL A 277 -11.87 11.25 10.29
C VAL A 277 -13.39 11.30 10.18
N GLY A 278 -13.88 12.24 9.42
CA GLY A 278 -15.31 12.43 9.26
C GLY A 278 -15.46 13.30 8.03
N PHE A 279 -16.32 12.85 7.15
CA PHE A 279 -16.44 13.51 5.84
C PHE A 279 -17.73 13.10 5.14
N GLN A 280 -17.93 13.70 3.99
CA GLN A 280 -18.99 13.39 3.02
C GLN A 280 -18.28 12.95 1.72
N GLN A 281 -18.78 11.93 1.04
CA GLN A 281 -18.01 11.50 -0.16
C GLN A 281 -18.56 12.14 -1.43
N ARG A 282 -17.72 12.25 -2.43
CA ARG A 282 -18.28 12.52 -3.78
C ARG A 282 -17.96 11.35 -4.71
N SER A 283 -18.96 10.54 -5.02
CA SER A 283 -18.89 9.37 -5.92
C SER A 283 -18.67 9.86 -7.34
N ALA A 284 -17.96 9.10 -8.17
CA ALA A 284 -17.83 9.41 -9.61
C ALA A 284 -19.12 9.07 -10.36
N ASN A 285 -20.11 8.46 -9.70
CA ASN A 285 -21.40 8.11 -10.33
C ASN A 285 -22.16 9.39 -10.59
N ASN A 286 -22.45 9.67 -11.87
CA ASN A 286 -23.11 10.94 -12.27
C ASN A 286 -24.55 10.67 -12.75
N ASP A 287 -25.10 9.50 -12.44
CA ASP A 287 -26.50 9.19 -12.84
C ASP A 287 -27.40 9.09 -11.61
N ASP A 288 -26.82 9.10 -10.39
CA ASP A 288 -27.64 9.04 -9.15
C ASP A 288 -28.16 10.43 -8.79
N ARG A 289 -29.03 10.52 -7.78
CA ARG A 289 -29.69 11.77 -7.33
C ARG A 289 -28.75 12.82 -6.72
N PHE A 290 -27.54 12.43 -6.30
CA PHE A 290 -26.61 13.39 -5.66
C PHE A 290 -25.70 14.04 -6.70
N LYS A 291 -25.85 15.35 -6.92
CA LYS A 291 -25.03 16.05 -7.94
C LYS A 291 -23.57 16.10 -7.46
N TYR A 292 -23.34 16.25 -6.16
CA TYR A 292 -21.98 16.34 -5.56
C TYR A 292 -21.82 15.30 -4.46
N GLN A 293 -21.89 15.73 -3.20
CA GLN A 293 -21.62 14.85 -2.04
C GLN A 293 -22.87 14.01 -1.69
N ASN A 294 -22.64 12.95 -0.92
CA ASN A 294 -23.71 12.19 -0.24
C ASN A 294 -23.12 11.60 1.03
N GLY A 295 -23.96 11.16 1.95
CA GLY A 295 -23.52 10.38 3.13
C GLY A 295 -22.80 11.20 4.18
N VAL A 296 -22.72 10.63 5.37
CA VAL A 296 -21.76 11.02 6.42
C VAL A 296 -21.00 9.77 6.85
N TYR A 297 -19.68 9.92 7.00
CA TYR A 297 -18.71 8.83 7.27
C TYR A 297 -17.77 9.22 8.41
N TYR A 298 -17.42 8.27 9.25
CA TYR A 298 -16.65 8.52 10.48
C TYR A 298 -15.91 7.24 10.81
N ALA A 299 -14.63 7.38 11.07
CA ALA A 299 -13.84 6.28 11.65
C ALA A 299 -12.76 6.81 12.59
N TYR A 300 -12.19 5.91 13.39
CA TYR A 300 -11.11 6.26 14.32
C TYR A 300 -10.13 5.09 14.39
N SER A 301 -8.90 5.38 14.82
CA SER A 301 -7.78 4.41 14.91
C SER A 301 -7.41 4.28 16.39
N ASP A 302 -7.24 3.02 16.82
CA ASP A 302 -6.75 2.65 18.18
C ASP A 302 -5.21 2.70 18.16
N HIS A 303 -4.61 2.80 16.97
CA HIS A 303 -3.14 2.91 16.82
C HIS A 303 -2.76 4.36 17.06
N PRO A 304 -1.74 4.62 17.91
CA PRO A 304 -1.28 5.98 18.19
C PRO A 304 -1.02 6.85 16.96
N ASP A 305 -0.44 6.26 15.91
CA ASP A 305 0.06 6.95 14.68
C ASP A 305 -0.95 6.76 13.52
N GLY A 306 -2.05 6.05 13.78
CA GLY A 306 -3.09 5.75 12.77
C GLY A 306 -2.72 4.61 11.84
N LEU A 307 -1.67 3.82 12.10
CA LEU A 307 -1.24 2.74 11.17
C LEU A 307 -2.06 1.45 11.36
N GLY A 308 -3.35 1.50 11.11
CA GLY A 308 -4.27 0.37 11.27
C GLY A 308 -5.09 0.41 12.55
N ASN A 309 -5.70 -0.73 12.93
CA ASN A 309 -6.70 -0.84 14.01
C ASN A 309 -7.74 0.27 13.85
N TRP A 310 -8.26 0.47 12.62
CA TRP A 310 -9.32 1.48 12.40
C TRP A 310 -10.67 0.81 12.70
N LYS A 311 -11.59 1.59 13.22
CA LYS A 311 -12.96 1.15 13.61
C LYS A 311 -14.00 2.14 13.08
N ASN A 312 -15.24 1.70 12.88
CA ASN A 312 -16.35 2.64 12.58
C ASN A 312 -16.97 3.05 13.94
N VAL A 313 -18.08 3.75 13.93
CA VAL A 313 -18.72 4.36 15.13
C VAL A 313 -19.24 3.23 16.06
N ASP A 314 -19.63 2.10 15.46
CA ASP A 314 -20.16 0.88 16.15
C ASP A 314 -19.01 -0.08 16.49
N GLY A 315 -17.77 0.35 16.30
CA GLY A 315 -16.57 -0.37 16.80
C GLY A 315 -16.23 -1.56 15.91
N GLU A 316 -16.93 -1.69 14.78
CA GLU A 316 -16.68 -2.69 13.70
C GLU A 316 -15.34 -2.36 13.03
N ASP A 317 -14.49 -3.38 12.87
CA ASP A 317 -13.14 -3.29 12.26
C ASP A 317 -13.33 -2.74 10.86
N MET A 318 -12.54 -1.74 10.46
CA MET A 318 -12.60 -1.10 9.12
C MET A 318 -11.46 -1.67 8.25
N THR A 319 -11.73 -2.02 6.99
CA THR A 319 -10.71 -2.35 5.95
C THR A 319 -9.77 -1.15 5.77
N TRP A 320 -8.47 -1.34 5.96
CA TRP A 320 -7.50 -0.23 5.88
C TRP A 320 -6.27 -0.64 5.07
N PRO A 321 -5.84 0.16 4.04
CA PRO A 321 -6.54 1.37 3.59
C PRO A 321 -7.96 1.11 3.12
N LEU A 322 -8.88 2.05 3.35
CA LEU A 322 -10.31 1.91 3.06
C LEU A 322 -10.53 1.92 1.55
N VAL A 323 -11.40 1.03 1.05
CA VAL A 323 -11.84 0.99 -0.38
C VAL A 323 -13.34 1.38 -0.48
N ASN A 324 -14.17 0.77 0.38
CA ASN A 324 -15.65 0.88 0.28
C ASN A 324 -16.14 1.76 1.43
N SER A 325 -16.55 2.95 1.09
CA SER A 325 -17.02 3.98 2.07
C SER A 325 -18.26 3.48 2.85
N ASP A 326 -18.92 2.38 2.40
CA ASP A 326 -20.13 1.85 3.09
C ASP A 326 -19.78 1.28 4.46
N GLU A 327 -18.52 0.91 4.70
CA GLU A 327 -18.06 0.30 5.99
C GLU A 327 -18.24 1.26 7.15
N ILE A 328 -18.15 2.57 6.88
CA ILE A 328 -18.06 3.64 7.93
C ILE A 328 -19.13 4.70 7.69
N LYS A 329 -20.23 4.33 7.05
CA LYS A 329 -21.28 5.33 6.82
C LYS A 329 -22.23 5.39 8.02
N ILE A 330 -22.54 6.60 8.50
CA ILE A 330 -23.41 6.83 9.70
C ILE A 330 -24.86 7.03 9.25
N PHE A 331 -25.12 7.94 8.31
CA PHE A 331 -26.49 8.21 7.79
C PHE A 331 -26.39 8.89 6.42
N GLU A 332 -27.52 9.05 5.74
CA GLU A 332 -27.63 9.71 4.42
C GLU A 332 -28.46 11.00 4.54
N PRO A 333 -27.81 12.18 4.51
CA PRO A 333 -28.55 13.43 4.48
C PRO A 333 -29.61 13.49 3.36
N GLY A 334 -29.36 12.78 2.26
CA GLY A 334 -30.30 12.55 1.14
C GLY A 334 -31.67 12.06 1.57
N ASP A 335 -31.76 11.43 2.73
CA ASP A 335 -33.04 10.86 3.22
C ASP A 335 -34.01 12.00 3.54
N TYR A 336 -33.48 13.22 3.79
CA TYR A 336 -34.20 14.38 4.38
C TYR A 336 -34.77 15.28 3.27
N ILE A 337 -34.82 14.75 2.05
CA ILE A 337 -35.35 15.42 0.83
C ILE A 337 -35.82 14.33 -0.12
N ASP A 338 -36.98 14.47 -0.77
CA ASP A 338 -37.63 13.32 -1.45
C ASP A 338 -37.57 13.46 -2.97
N HIS A 339 -36.58 14.17 -3.48
CA HIS A 339 -36.28 14.21 -4.93
C HIS A 339 -35.70 12.86 -5.37
N THR A 340 -36.11 12.36 -6.52
CA THR A 340 -35.60 11.05 -7.03
C THR A 340 -34.77 11.18 -8.32
N ALA A 341 -34.80 12.32 -9.01
CA ALA A 341 -34.28 12.46 -10.39
C ALA A 341 -32.76 12.58 -10.33
N PRO A 342 -32.02 12.08 -11.34
CA PRO A 342 -30.56 12.24 -11.34
C PRO A 342 -30.15 13.69 -11.01
N ASN A 343 -29.13 13.82 -10.15
CA ASN A 343 -28.46 15.10 -9.81
C ASN A 343 -29.40 16.10 -9.10
N SER A 344 -30.55 15.67 -8.55
CA SER A 344 -31.57 16.56 -7.93
C SER A 344 -31.20 17.04 -6.53
N VAL A 345 -30.22 16.41 -5.88
CA VAL A 345 -29.89 16.66 -4.45
C VAL A 345 -28.50 17.27 -4.38
N HIS A 346 -28.43 18.43 -3.75
CA HIS A 346 -27.22 19.29 -3.68
C HIS A 346 -26.69 19.25 -2.25
N ILE A 347 -25.53 18.64 -2.04
CA ILE A 347 -24.82 18.62 -0.74
C ILE A 347 -23.38 19.07 -1.03
N VAL A 348 -23.02 20.26 -0.55
CA VAL A 348 -21.65 20.84 -0.66
C VAL A 348 -21.30 21.54 0.65
N THR A 349 -21.92 22.67 0.92
CA THR A 349 -21.55 23.51 2.07
C THR A 349 -22.17 22.92 3.34
N GLY A 350 -21.60 23.27 4.50
CA GLY A 350 -22.28 23.16 5.80
C GLY A 350 -21.83 22.00 6.65
N PHE A 351 -20.76 21.28 6.27
CA PHE A 351 -20.38 20.01 6.93
C PHE A 351 -19.18 20.22 7.85
N ASP A 352 -19.27 19.65 9.05
CA ASP A 352 -18.10 19.53 9.97
C ASP A 352 -18.50 18.59 11.08
N TRP A 353 -17.62 18.31 12.04
CA TRP A 353 -17.86 17.18 12.96
C TRP A 353 -16.88 17.35 14.11
N THR A 354 -17.23 16.87 15.30
CA THR A 354 -16.32 16.92 16.45
C THR A 354 -16.69 15.80 17.42
N VAL A 355 -15.74 15.45 18.25
CA VAL A 355 -15.97 14.46 19.33
C VAL A 355 -15.57 15.18 20.62
N THR A 356 -16.43 15.19 21.62
CA THR A 356 -16.18 15.94 22.86
C THR A 356 -15.24 15.10 23.74
N GLU A 357 -14.65 15.71 24.76
CA GLU A 357 -13.82 14.98 25.76
C GLU A 357 -14.65 13.79 26.27
N ASN A 358 -15.98 13.93 26.25
CA ASN A 358 -16.99 13.01 26.86
C ASN A 358 -17.40 11.93 25.85
N ASP A 359 -16.82 11.94 24.64
CA ASP A 359 -17.11 10.97 23.56
C ASP A 359 -18.52 11.20 23.01
N ASP A 360 -19.07 12.43 23.05
CA ASP A 360 -20.30 12.83 22.30
C ASP A 360 -19.91 13.14 20.85
N VAL A 361 -20.56 12.46 19.89
CA VAL A 361 -20.13 12.50 18.46
C VAL A 361 -21.13 13.40 17.74
N HIS A 362 -20.63 14.47 17.10
CA HIS A 362 -21.50 15.49 16.46
C HIS A 362 -21.15 15.65 14.99
N PHE A 363 -22.18 15.76 14.13
CA PHE A 363 -22.07 16.02 12.67
C PHE A 363 -23.07 17.12 12.30
N ILE A 364 -22.59 18.08 11.52
CA ILE A 364 -23.50 19.10 10.94
C ILE A 364 -23.39 18.99 9.42
N THR A 365 -24.53 19.11 8.76
CA THR A 365 -24.60 19.11 7.31
C THR A 365 -25.79 19.97 6.92
N HIS A 366 -26.09 19.93 5.64
CA HIS A 366 -26.98 20.85 4.86
C HIS A 366 -27.29 20.18 3.54
N VAL A 367 -28.54 20.27 3.06
CA VAL A 367 -29.00 19.60 1.82
C VAL A 367 -30.08 20.50 1.24
N ARG A 368 -30.04 20.69 -0.07
CA ARG A 368 -31.09 21.45 -0.78
C ARG A 368 -31.30 20.81 -2.13
N SER A 369 -32.42 21.18 -2.77
CA SER A 369 -32.69 20.96 -4.21
C SER A 369 -31.56 21.61 -5.01
N THR A 370 -31.05 20.84 -5.99
CA THR A 370 -30.14 21.35 -7.05
C THR A 370 -30.86 22.47 -7.80
N ASP A 371 -32.13 22.26 -8.11
CA ASP A 371 -32.96 23.20 -8.90
C ASP A 371 -33.64 24.18 -7.94
N THR A 372 -33.13 25.40 -7.84
CA THR A 372 -33.60 26.40 -6.83
C THR A 372 -34.95 26.99 -7.26
N LYS A 373 -35.34 26.83 -8.53
CA LYS A 373 -36.54 27.47 -9.14
C LYS A 373 -37.73 26.50 -9.13
N ARG A 374 -37.54 25.21 -8.80
CA ARG A 374 -38.64 24.21 -8.81
C ARG A 374 -39.66 24.54 -7.71
N SER A 375 -40.93 24.27 -7.98
CA SER A 375 -42.10 24.61 -7.11
C SER A 375 -41.98 23.96 -5.72
N ASP A 376 -41.59 22.68 -5.65
CA ASP A 376 -41.42 21.89 -4.40
C ASP A 376 -39.97 21.93 -3.91
N TYR A 377 -39.33 23.09 -3.95
CA TYR A 377 -37.94 23.30 -3.46
C TYR A 377 -37.85 22.93 -1.98
N LYS A 378 -36.71 22.37 -1.54
CA LYS A 378 -36.45 22.05 -0.13
C LYS A 378 -35.01 22.40 0.19
N GLU A 379 -34.81 22.95 1.38
CA GLU A 379 -33.49 23.30 1.96
C GLU A 379 -33.55 22.95 3.43
N VAL A 380 -32.54 22.26 3.97
CA VAL A 380 -32.58 21.87 5.39
C VAL A 380 -31.14 21.87 5.91
N SER A 381 -30.93 22.33 7.14
CA SER A 381 -29.70 22.05 7.92
C SER A 381 -29.98 20.86 8.85
N ILE A 382 -28.93 20.13 9.22
CA ILE A 382 -29.04 18.87 9.99
C ILE A 382 -27.95 18.89 11.03
N HIS A 383 -28.32 18.60 12.29
CA HIS A 383 -27.41 18.23 13.39
C HIS A 383 -27.71 16.77 13.75
N ALA A 384 -26.69 15.93 13.60
CA ALA A 384 -26.70 14.50 13.97
C ALA A 384 -25.73 14.32 15.12
N PHE A 385 -26.21 13.80 16.25
CA PHE A 385 -25.34 13.69 17.44
C PHE A 385 -25.68 12.42 18.18
N LYS A 386 -24.65 11.81 18.73
CA LYS A 386 -24.82 10.62 19.59
C LYS A 386 -24.21 10.98 20.93
N PRO A 387 -25.06 11.22 21.95
CA PRO A 387 -24.58 11.43 23.30
C PRO A 387 -23.75 10.22 23.76
N ALA A 388 -22.82 10.45 24.67
CA ALA A 388 -21.78 9.48 25.07
C ALA A 388 -22.40 8.09 25.29
N ASN A 389 -23.56 8.00 25.95
CA ASN A 389 -24.12 6.69 26.38
C ASN A 389 -25.48 6.47 25.70
N ALA A 390 -25.55 6.76 24.41
CA ALA A 390 -26.77 6.52 23.60
C ALA A 390 -26.51 5.41 22.60
N VAL A 391 -27.57 4.71 22.17
CA VAL A 391 -27.53 3.59 21.18
C VAL A 391 -27.25 4.18 19.81
N ASP A 392 -28.11 5.11 19.41
CA ASP A 392 -28.28 5.58 18.03
C ASP A 392 -28.07 7.10 18.00
N PHE A 393 -27.96 7.66 16.79
CA PHE A 393 -27.90 9.13 16.56
C PHE A 393 -29.30 9.72 16.77
N THR A 394 -29.34 10.91 17.37
CA THR A 394 -30.47 11.88 17.23
C THR A 394 -30.19 12.76 16.02
N ILE A 395 -31.11 12.81 15.07
CA ILE A 395 -30.95 13.60 13.81
C ILE A 395 -32.10 14.59 13.64
N THR A 396 -31.72 15.86 13.64
CA THR A 396 -32.65 17.00 13.72
C THR A 396 -32.44 17.98 12.56
N THR A 397 -33.51 18.48 12.00
CA THR A 397 -33.50 19.66 11.11
C THR A 397 -33.74 20.96 11.88
N ASP A 398 -33.99 20.93 13.20
CA ASP A 398 -34.20 22.15 14.03
C ASP A 398 -32.84 22.78 14.33
N PHE A 399 -32.22 23.33 13.30
CA PHE A 399 -30.80 23.73 13.32
C PHE A 399 -30.64 24.78 12.23
N THR A 400 -29.94 25.89 12.46
CA THR A 400 -29.87 26.92 11.41
C THR A 400 -28.63 26.74 10.53
N GLY A 401 -27.72 25.82 10.86
CA GLY A 401 -26.55 25.52 9.99
C GLY A 401 -25.35 26.37 10.38
N ALA A 402 -24.17 25.95 9.95
CA ALA A 402 -22.86 26.54 10.29
C ALA A 402 -21.81 25.86 9.41
N ASP A 403 -20.61 26.41 9.36
CA ASP A 403 -19.54 25.89 8.49
C ASP A 403 -18.54 25.09 9.32
N SER A 404 -18.60 25.22 10.64
CA SER A 404 -17.59 24.64 11.52
C SER A 404 -18.26 24.21 12.83
N ILE A 405 -17.71 23.23 13.55
CA ILE A 405 -18.16 22.98 14.93
C ILE A 405 -16.89 22.78 15.77
N TYR A 406 -16.87 23.31 16.99
CA TYR A 406 -15.73 23.16 17.92
C TYR A 406 -16.18 22.55 19.24
N THR A 407 -15.22 22.13 20.07
CA THR A 407 -15.50 21.55 21.40
C THR A 407 -14.38 22.02 22.32
N SER A 408 -14.75 22.28 23.57
CA SER A 408 -13.81 22.52 24.69
C SER A 408 -14.55 22.07 25.94
N GLY A 409 -13.89 21.36 26.85
CA GLY A 409 -14.53 20.91 28.09
C GLY A 409 -15.86 20.23 27.83
N ASP A 410 -16.91 20.61 28.57
CA ASP A 410 -18.23 19.95 28.56
C ASP A 410 -19.06 20.33 27.32
N SER A 411 -18.50 21.09 26.39
CA SER A 411 -19.32 21.91 25.47
C SER A 411 -18.86 21.82 24.00
N ILE A 412 -19.82 22.14 23.12
CA ILE A 412 -19.60 22.35 21.67
C ILE A 412 -19.92 23.81 21.35
N PHE A 413 -19.30 24.33 20.28
CA PHE A 413 -19.39 25.77 19.93
C PHE A 413 -19.58 25.93 18.43
N ILE A 414 -20.38 26.93 18.07
CA ILE A 414 -20.35 27.56 16.72
C ILE A 414 -19.63 28.89 16.89
N ILE A 415 -18.52 29.10 16.21
CA ILE A 415 -17.81 30.41 16.21
C ILE A 415 -17.65 30.90 14.78
N GLY A 416 -17.94 32.18 14.55
CA GLY A 416 -17.84 32.74 13.19
C GLY A 416 -17.96 34.25 13.18
N LEU A 417 -18.18 34.82 12.00
CA LEU A 417 -18.40 36.28 11.85
C LEU A 417 -19.87 36.51 11.50
N LYS A 418 -20.45 37.58 12.04
CA LYS A 418 -21.77 38.12 11.61
C LYS A 418 -21.67 39.64 11.47
N ASN A 419 -21.96 40.15 10.26
CA ASN A 419 -21.72 41.55 9.85
C ASN A 419 -20.37 42.00 10.44
N GLY A 420 -19.31 41.22 10.24
CA GLY A 420 -17.95 41.67 10.56
C GLY A 420 -17.50 41.38 11.99
N TYR A 421 -18.34 40.84 12.88
CA TYR A 421 -17.95 40.69 14.32
C TYR A 421 -18.03 39.24 14.78
N PRO A 422 -16.99 38.72 15.48
CA PRO A 422 -17.05 37.37 16.02
C PRO A 422 -18.26 37.17 16.95
N PHE A 423 -18.88 35.99 16.85
CA PHE A 423 -19.90 35.48 17.80
C PHE A 423 -19.51 34.07 18.25
N VAL A 424 -19.91 33.66 19.46
CA VAL A 424 -19.86 32.26 19.95
C VAL A 424 -21.28 31.81 20.25
N GLU A 425 -21.67 30.63 19.74
CA GLU A 425 -22.87 29.87 20.18
C GLU A 425 -22.34 28.67 20.99
N LYS A 426 -23.00 28.37 22.10
CA LYS A 426 -22.55 27.36 23.08
C LYS A 426 -23.73 26.44 23.37
N ALA A 427 -23.48 25.13 23.35
CA ALA A 427 -24.39 24.03 23.76
C ALA A 427 -23.61 22.94 24.51
N LYS A 428 -24.28 22.27 25.42
CA LYS A 428 -23.69 21.11 26.12
C LYS A 428 -23.40 20.09 25.03
N GLY A 429 -22.27 19.40 25.14
CA GLY A 429 -21.94 18.20 24.36
C GLY A 429 -23.07 17.22 24.43
N GLY A 430 -23.39 16.57 23.30
CA GLY A 430 -24.51 15.63 23.19
C GLY A 430 -25.88 16.28 23.23
N SER A 431 -25.98 17.59 23.06
CA SER A 431 -27.29 18.29 22.94
C SER A 431 -27.35 18.98 21.59
N ASN A 432 -28.54 19.48 21.25
CA ASN A 432 -28.79 20.47 20.17
C ASN A 432 -29.23 21.86 20.71
N ASP A 433 -28.88 22.23 21.94
CA ASP A 433 -29.41 23.46 22.60
C ASP A 433 -28.43 24.64 22.47
N PHE A 434 -28.23 25.12 21.23
CA PHE A 434 -27.32 26.24 20.86
C PHE A 434 -27.97 27.56 21.33
N GLU A 435 -27.17 28.42 21.96
CA GLU A 435 -27.58 29.80 22.29
C GLU A 435 -26.42 30.71 21.91
N VAL A 436 -26.69 31.88 21.33
CA VAL A 436 -25.65 32.95 21.24
C VAL A 436 -25.33 33.37 22.67
N VAL A 437 -24.05 33.37 23.03
CA VAL A 437 -23.54 33.74 24.39
C VAL A 437 -22.49 34.83 24.27
N TYR A 438 -22.06 35.18 23.05
CA TYR A 438 -21.06 36.23 22.81
C TYR A 438 -21.24 36.83 21.44
N GLN A 439 -21.22 38.16 21.40
CA GLN A 439 -21.28 38.86 20.11
C GLN A 439 -20.54 40.18 20.28
N GLN A 440 -19.38 40.31 19.65
CA GLN A 440 -18.68 41.61 19.58
C GLN A 440 -19.60 42.58 18.82
N ALA A 441 -19.67 43.84 19.19
CA ALA A 441 -20.66 44.78 18.60
C ALA A 441 -20.08 46.17 18.31
N SER A 442 -18.78 46.38 18.49
CA SER A 442 -18.12 47.61 18.04
C SER A 442 -16.65 47.33 17.83
N GLY A 443 -15.98 48.25 17.14
CA GLY A 443 -14.54 48.17 16.83
C GLY A 443 -14.39 47.88 15.35
N VAL A 444 -13.16 47.76 14.85
CA VAL A 444 -12.89 47.41 13.43
C VAL A 444 -13.57 46.08 13.16
N LYS A 445 -14.11 45.92 11.96
CA LYS A 445 -14.76 44.68 11.48
C LYS A 445 -13.72 43.82 10.74
N PHE A 446 -13.99 42.52 10.63
CA PHE A 446 -13.09 41.56 9.96
C PHE A 446 -13.73 41.01 8.69
N ASP A 447 -12.87 40.64 7.74
CA ASP A 447 -13.27 39.98 6.47
C ASP A 447 -13.38 38.47 6.70
N HIS A 448 -12.41 37.87 7.40
CA HIS A 448 -12.27 36.39 7.43
C HIS A 448 -11.30 36.05 8.55
N GLY A 449 -11.26 34.80 8.97
CA GLY A 449 -10.15 34.27 9.80
C GLY A 449 -10.13 32.77 9.97
N THR A 450 -9.36 32.34 10.96
CA THR A 450 -9.16 30.90 11.28
C THR A 450 -9.08 30.76 12.79
N ILE A 451 -9.70 29.70 13.28
CA ILE A 451 -9.86 29.38 14.71
C ILE A 451 -8.99 28.17 15.04
N HIS A 452 -8.28 28.25 16.16
CA HIS A 452 -7.66 27.11 16.87
C HIS A 452 -8.15 27.10 18.31
N ILE A 453 -8.54 25.94 18.81
CA ILE A 453 -9.06 25.77 20.17
C ILE A 453 -7.94 25.15 21.02
N GLU A 454 -7.53 25.80 22.10
CA GLU A 454 -6.51 25.19 23.00
C GLU A 454 -6.75 25.72 24.42
N ASN A 455 -6.48 24.95 25.47
CA ASN A 455 -6.49 25.56 26.83
C ASN A 455 -7.87 26.12 27.16
N GLY A 456 -8.95 25.59 26.58
CA GLY A 456 -10.32 26.06 26.83
C GLY A 456 -10.55 27.48 26.32
N LYS A 457 -9.72 27.92 25.38
CA LYS A 457 -9.89 29.25 24.73
C LYS A 457 -9.98 29.04 23.24
N ALA A 458 -10.52 30.01 22.51
CA ALA A 458 -10.52 30.07 21.03
C ALA A 458 -9.45 31.07 20.61
N TYR A 459 -8.47 30.67 19.82
CA TYR A 459 -7.56 31.69 19.23
C TYR A 459 -8.12 32.04 17.86
N TYR A 460 -8.70 33.23 17.74
CA TYR A 460 -9.33 33.72 16.49
C TYR A 460 -8.34 34.62 15.78
N TYR A 461 -7.79 34.09 14.69
CA TYR A 461 -6.74 34.75 13.86
C TYR A 461 -7.42 35.38 12.65
N LEU A 462 -7.49 36.71 12.63
CA LEU A 462 -8.45 37.51 11.81
C LEU A 462 -7.72 38.51 10.90
N MET A 463 -8.30 38.78 9.73
CA MET A 463 -7.90 39.88 8.82
C MET A 463 -8.99 40.96 8.83
N GLU A 464 -8.56 42.21 9.08
CA GLU A 464 -9.46 43.37 9.24
C GLU A 464 -10.02 43.71 7.86
N LYS A 465 -11.27 44.17 7.78
CA LYS A 465 -11.90 44.62 6.50
C LYS A 465 -11.13 45.81 5.95
N GLY A 466 -11.11 45.98 4.63
CA GLY A 466 -10.48 47.16 4.01
C GLY A 466 -10.25 46.95 2.52
N ALA A 467 -9.76 47.99 1.85
CA ALA A 467 -9.54 47.99 0.38
C ALA A 467 -8.09 47.59 0.10
N GLY A 468 -7.83 46.90 -1.01
CA GLY A 468 -6.45 46.64 -1.47
C GLY A 468 -5.89 45.31 -0.95
N ASN A 469 -4.59 45.10 -1.16
CA ASN A 469 -3.96 43.77 -1.04
C ASN A 469 -2.95 43.72 0.12
N ALA A 470 -3.02 44.67 1.08
CA ALA A 470 -2.16 44.65 2.29
C ALA A 470 -2.98 45.06 3.50
N LEU A 471 -3.49 44.12 4.31
CA LEU A 471 -4.49 44.47 5.32
C LEU A 471 -4.06 43.95 6.69
N PRO A 472 -4.53 44.60 7.78
CA PRO A 472 -4.08 44.26 9.12
C PRO A 472 -4.59 42.90 9.59
N LEU A 473 -3.73 42.19 10.34
CA LEU A 473 -4.06 40.92 11.04
C LEU A 473 -4.15 41.18 12.54
N HIS A 474 -5.19 40.63 13.15
CA HIS A 474 -5.44 40.71 14.61
C HIS A 474 -5.60 39.28 15.16
N LEU A 475 -5.21 39.07 16.40
CA LEU A 475 -5.46 37.80 17.10
C LEU A 475 -6.35 38.11 18.28
N GLN A 476 -7.48 37.43 18.36
CA GLN A 476 -8.37 37.47 19.52
C GLN A 476 -8.17 36.17 20.29
N VAL A 477 -8.04 36.31 21.60
CA VAL A 477 -8.09 35.15 22.54
C VAL A 477 -9.40 35.28 23.27
N ILE A 478 -10.28 34.32 23.03
CA ILE A 478 -11.64 34.35 23.60
C ILE A 478 -11.75 33.19 24.58
N ASP A 479 -11.98 33.49 25.86
CA ASP A 479 -12.15 32.42 26.84
C ASP A 479 -13.53 31.85 26.54
N LEU A 480 -13.64 30.53 26.51
CA LEU A 480 -14.89 29.83 26.13
C LEU A 480 -15.73 29.42 27.34
N GLY A 481 -15.24 29.64 28.56
CA GLY A 481 -16.02 29.51 29.82
C GLY A 481 -16.19 28.06 30.24
N VAL A 482 -15.12 27.25 30.11
CA VAL A 482 -15.14 25.78 30.41
C VAL A 482 -13.99 25.44 31.36
N THR A 483 -13.19 26.45 31.68
CA THR A 483 -11.78 26.42 32.08
C THR A 483 -11.71 26.41 33.62
N THR B 1 -2.97 -43.80 -28.94
CA THR B 1 -4.34 -43.55 -28.45
C THR B 1 -4.39 -42.16 -27.81
N SER B 2 -3.56 -41.93 -26.79
CA SER B 2 -3.45 -40.67 -26.02
C SER B 2 -2.61 -39.63 -26.78
N GLY B 3 -1.70 -40.07 -27.64
CA GLY B 3 -0.65 -39.22 -28.23
C GLY B 3 0.52 -38.95 -27.29
N VAL B 4 0.51 -39.47 -26.05
CA VAL B 4 1.60 -39.15 -25.06
C VAL B 4 2.84 -40.00 -25.36
N LEU B 5 4.00 -39.40 -25.58
CA LEU B 5 5.25 -40.18 -25.82
C LEU B 5 6.50 -39.40 -25.36
N LEU B 6 7.55 -40.13 -24.97
CA LEU B 6 8.88 -39.57 -24.62
C LEU B 6 9.57 -39.12 -25.91
N GLU B 7 9.85 -37.83 -26.05
CA GLU B 7 10.54 -37.28 -27.24
C GLU B 7 12.04 -37.37 -27.01
N SER B 8 12.51 -37.15 -25.77
CA SER B 8 13.97 -37.16 -25.48
C SER B 8 14.25 -37.37 -23.99
N GLN B 9 15.42 -37.94 -23.71
CA GLN B 9 16.06 -37.95 -22.39
C GLN B 9 17.53 -37.59 -22.63
N THR B 10 18.02 -36.62 -21.87
CA THR B 10 19.37 -36.03 -22.00
C THR B 10 19.99 -35.92 -20.61
N LYS B 11 21.20 -36.45 -20.39
CA LYS B 11 21.91 -36.26 -19.10
C LYS B 11 22.53 -34.86 -19.13
N ILE B 12 22.36 -34.09 -18.05
CA ILE B 12 22.78 -32.65 -17.90
C ILE B 12 24.13 -32.54 -17.18
N THR B 13 24.25 -33.24 -16.06
CA THR B 13 25.46 -33.37 -15.23
C THR B 13 25.46 -34.79 -14.63
N ASP B 14 26.61 -35.28 -14.19
CA ASP B 14 26.72 -36.52 -13.38
C ASP B 14 26.74 -36.18 -11.87
N GLY B 15 26.82 -34.90 -11.48
CA GLY B 15 27.07 -34.50 -10.07
C GLY B 15 26.33 -33.22 -9.65
N ALA B 16 25.03 -33.33 -9.35
CA ALA B 16 24.23 -32.22 -8.77
C ALA B 16 24.02 -32.47 -7.26
N LEU B 17 23.74 -31.41 -6.51
CA LEU B 17 23.71 -31.39 -5.03
C LEU B 17 22.43 -32.02 -4.49
N HIS B 18 22.59 -32.87 -3.46
CA HIS B 18 21.50 -33.58 -2.75
C HIS B 18 21.92 -33.77 -1.29
N PHE B 19 20.97 -33.69 -0.36
CA PHE B 19 21.24 -33.80 1.09
C PHE B 19 21.04 -35.24 1.57
N ASP B 20 22.15 -35.98 1.67
CA ASP B 20 22.20 -37.46 1.91
C ASP B 20 22.43 -37.77 3.39
N GLY B 21 22.55 -36.77 4.26
CA GLY B 21 22.78 -36.99 5.69
C GLY B 21 21.51 -37.30 6.44
N LYS B 22 21.47 -36.89 7.70
CA LYS B 22 20.31 -37.09 8.59
C LYS B 22 19.57 -35.76 8.68
N LYS B 23 18.25 -35.83 8.84
CA LYS B 23 17.41 -34.66 9.17
C LYS B 23 17.78 -34.14 10.57
N LEU B 24 18.01 -32.83 10.69
CA LEU B 24 18.24 -32.11 11.97
C LEU B 24 16.95 -31.42 12.43
N ASN B 25 16.92 -31.05 13.72
CA ASN B 25 15.77 -30.39 14.41
C ASN B 25 16.30 -29.28 15.30
N HIS B 26 15.41 -28.62 16.05
CA HIS B 26 15.72 -27.53 17.01
C HIS B 26 16.98 -27.89 17.81
N ASN B 27 17.02 -29.11 18.34
CA ASN B 27 18.03 -29.58 19.33
C ASN B 27 19.40 -29.84 18.68
N THR B 28 19.46 -30.12 17.37
CA THR B 28 20.64 -30.74 16.72
C THR B 28 21.24 -29.88 15.59
N PHE B 29 20.57 -28.82 15.12
CA PHE B 29 20.98 -28.10 13.88
C PHE B 29 22.29 -27.33 14.11
N GLU B 30 22.63 -26.95 15.34
CA GLU B 30 23.90 -26.23 15.64
C GLU B 30 25.10 -27.22 15.66
N ASN B 31 24.85 -28.53 15.66
CA ASN B 31 25.91 -29.58 15.62
C ASN B 31 25.77 -30.44 14.36
N PRO B 32 25.86 -29.86 13.14
CA PRO B 32 25.75 -30.66 11.91
C PRO B 32 26.96 -31.59 11.68
N SER B 33 26.79 -32.64 10.88
CA SER B 33 27.88 -33.60 10.56
C SER B 33 28.94 -32.90 9.70
N LYS B 34 30.21 -33.01 10.12
CA LYS B 34 31.39 -32.45 9.41
C LYS B 34 32.04 -33.56 8.57
N SER B 35 31.43 -34.75 8.51
CA SER B 35 31.92 -35.92 7.73
C SER B 35 31.45 -35.83 6.27
N GLN B 36 31.41 -36.97 5.55
CA GLN B 36 31.10 -37.04 4.09
C GLN B 36 29.63 -36.68 3.81
N ALA B 37 28.72 -37.23 4.62
CA ALA B 37 27.25 -37.13 4.41
C ALA B 37 26.77 -35.72 4.78
N TYR B 38 25.84 -35.20 4.00
CA TYR B 38 25.29 -33.81 4.11
C TYR B 38 23.99 -33.85 4.92
N ASP B 39 23.96 -33.36 6.17
CA ASP B 39 22.72 -33.27 6.98
C ASP B 39 21.86 -32.09 6.48
N TYR B 40 20.59 -32.05 6.86
CA TYR B 40 19.59 -31.08 6.32
C TYR B 40 18.52 -30.82 7.37
N PHE B 41 17.79 -29.70 7.24
CA PHE B 41 16.81 -29.24 8.26
C PHE B 41 15.38 -29.51 7.83
N PHE B 42 15.09 -29.42 6.52
CA PHE B 42 13.72 -29.51 5.96
C PHE B 42 13.66 -30.79 5.13
N GLY B 43 13.92 -30.67 3.83
CA GLY B 43 13.93 -31.79 2.86
C GLY B 43 15.31 -32.09 2.31
N ARG B 44 15.42 -33.22 1.58
CA ARG B 44 16.67 -33.66 0.90
C ARG B 44 16.92 -32.87 -0.38
N ASN B 45 15.86 -32.37 -1.05
CA ASN B 45 15.91 -31.96 -2.48
C ASN B 45 16.33 -30.50 -2.54
N ILE B 46 17.31 -30.19 -3.38
CA ILE B 46 17.58 -28.76 -3.75
C ILE B 46 17.92 -28.59 -5.23
N SER B 47 18.33 -29.64 -5.96
CA SER B 47 18.56 -29.58 -7.42
C SER B 47 17.36 -30.22 -8.15
N ALA B 48 16.93 -29.65 -9.28
CA ALA B 48 15.76 -30.16 -10.06
C ALA B 48 14.57 -30.05 -9.13
N HIS B 49 14.47 -28.87 -8.50
CA HIS B 49 13.54 -28.54 -7.41
C HIS B 49 13.22 -27.05 -7.53
N GLY B 50 11.94 -26.69 -7.44
CA GLY B 50 11.49 -25.29 -7.69
C GLY B 50 11.54 -24.93 -9.16
N ASP B 51 11.63 -23.64 -9.50
CA ASP B 51 11.34 -23.20 -10.91
C ASP B 51 12.61 -23.19 -11.77
N ALA B 52 13.20 -24.37 -11.95
CA ALA B 52 14.60 -24.51 -12.39
C ALA B 52 14.74 -24.96 -13.84
N VAL B 53 13.67 -25.02 -14.64
CA VAL B 53 13.74 -25.49 -16.07
C VAL B 53 12.85 -24.61 -16.96
N LYS B 54 13.41 -23.92 -17.95
CA LYS B 54 12.65 -23.05 -18.91
C LYS B 54 13.11 -23.30 -20.35
N PRO B 55 12.20 -23.75 -21.25
CA PRO B 55 12.47 -23.79 -22.69
C PRO B 55 12.44 -22.36 -23.22
N TYR B 56 13.13 -22.11 -24.34
CA TYR B 56 13.29 -20.82 -25.07
C TYR B 56 13.76 -21.19 -26.46
N LYS B 57 12.92 -20.92 -27.47
CA LYS B 57 13.17 -21.40 -28.84
C LYS B 57 13.58 -22.89 -28.77
N HIS B 58 14.71 -23.21 -29.38
CA HIS B 58 15.22 -24.60 -29.55
C HIS B 58 16.09 -24.97 -28.35
N PHE B 59 16.19 -24.07 -27.35
CA PHE B 59 17.00 -24.28 -26.12
C PHE B 59 16.12 -24.73 -24.97
N VAL B 60 16.72 -25.44 -24.02
CA VAL B 60 16.14 -25.59 -22.65
C VAL B 60 17.22 -25.20 -21.62
N PHE B 61 16.88 -24.24 -20.76
CA PHE B 61 17.78 -23.75 -19.71
C PHE B 61 17.42 -24.45 -18.40
N MET B 62 18.44 -24.85 -17.62
CA MET B 62 18.28 -25.61 -16.34
C MET B 62 19.20 -25.04 -15.27
N THR B 63 18.67 -24.68 -14.11
CA THR B 63 19.51 -24.19 -13.00
C THR B 63 19.75 -25.37 -12.06
N TRP B 64 20.84 -25.35 -11.31
CA TRP B 64 21.16 -26.44 -10.35
C TRP B 64 22.32 -26.04 -9.45
N TYR B 65 22.52 -26.83 -8.38
CA TYR B 65 23.69 -26.64 -7.49
C TYR B 65 24.70 -27.75 -7.80
N LYS B 66 25.98 -27.39 -7.88
CA LYS B 66 27.03 -28.38 -8.18
C LYS B 66 27.16 -29.27 -6.95
N GLY B 67 27.30 -30.56 -7.20
CA GLY B 67 27.24 -31.56 -6.12
C GLY B 67 28.60 -31.85 -5.54
N GLY B 68 28.57 -32.63 -4.46
CA GLY B 68 29.55 -32.63 -3.37
C GLY B 68 29.19 -31.55 -2.40
N LYS B 69 29.04 -31.96 -1.14
CA LYS B 69 28.77 -31.13 0.05
C LYS B 69 29.72 -29.93 0.12
N GLU B 70 30.92 -30.04 -0.48
CA GLU B 70 32.00 -29.03 -0.40
C GLU B 70 32.00 -28.14 -1.66
N GLU B 71 31.06 -28.32 -2.59
CA GLU B 71 31.06 -27.56 -3.89
C GLU B 71 29.92 -26.53 -3.82
N ARG B 72 28.74 -26.91 -4.29
CA ARG B 72 27.44 -26.23 -3.96
C ARG B 72 27.28 -24.93 -4.76
N ASN B 73 28.13 -24.66 -5.76
CA ASN B 73 28.03 -23.46 -6.64
C ASN B 73 26.71 -23.48 -7.41
N VAL B 74 26.13 -22.30 -7.60
CA VAL B 74 24.97 -22.13 -8.52
C VAL B 74 25.44 -22.43 -9.93
N MET B 75 24.68 -23.25 -10.66
CA MET B 75 24.99 -23.65 -12.05
C MET B 75 23.83 -23.27 -12.98
N LEU B 76 24.14 -22.81 -14.18
CA LEU B 76 23.19 -22.57 -15.30
C LEU B 76 23.62 -23.35 -16.56
N SER B 77 22.78 -24.27 -17.02
CA SER B 77 23.01 -25.10 -18.25
C SER B 77 22.01 -24.69 -19.33
N ARG B 78 22.54 -24.59 -20.55
CA ARG B 78 21.77 -24.38 -21.80
C ARG B 78 21.96 -25.66 -22.63
N PHE B 79 20.86 -26.37 -22.83
CA PHE B 79 20.77 -27.56 -23.72
C PHE B 79 20.25 -27.12 -25.07
N ASN B 80 21.00 -27.41 -26.14
CA ASN B 80 20.55 -27.10 -27.52
C ASN B 80 19.82 -28.34 -28.03
N THR B 81 18.51 -28.24 -28.32
CA THR B 81 17.70 -29.43 -28.70
C THR B 81 17.98 -29.85 -30.15
N LYS B 82 18.66 -29.01 -30.92
CA LYS B 82 18.92 -29.27 -32.36
C LYS B 82 20.24 -30.06 -32.48
N THR B 83 21.29 -29.57 -31.81
CA THR B 83 22.68 -30.10 -31.89
C THR B 83 22.93 -31.10 -30.76
N GLY B 84 22.18 -30.97 -29.66
CA GLY B 84 22.29 -31.87 -28.50
C GLY B 84 23.35 -31.41 -27.53
N VAL B 85 23.96 -30.22 -27.73
CA VAL B 85 25.06 -29.75 -26.85
C VAL B 85 24.46 -29.10 -25.59
N VAL B 86 25.04 -29.46 -24.43
CA VAL B 86 24.79 -28.81 -23.10
C VAL B 86 26.01 -27.94 -22.77
N LYS B 87 25.81 -26.65 -22.51
CA LYS B 87 26.89 -25.69 -22.16
C LYS B 87 26.50 -25.10 -20.79
N THR B 88 27.40 -25.14 -19.82
CA THR B 88 27.13 -24.82 -18.41
C THR B 88 27.99 -23.64 -17.98
N ILE B 89 27.41 -22.76 -17.15
CA ILE B 89 28.11 -21.63 -16.47
C ILE B 89 28.08 -21.91 -14.96
N GLN B 90 29.25 -21.86 -14.33
CA GLN B 90 29.45 -22.04 -12.88
C GLN B 90 29.56 -20.65 -12.26
N PHE B 91 28.61 -20.32 -11.39
CA PHE B 91 28.56 -19.03 -10.64
C PHE B 91 29.44 -19.15 -9.40
N PRO B 92 29.99 -18.02 -8.90
CA PRO B 92 30.74 -17.99 -7.63
C PRO B 92 29.97 -18.41 -6.38
N HIS B 93 28.70 -18.00 -6.35
CA HIS B 93 27.82 -18.21 -5.18
C HIS B 93 27.63 -19.70 -4.89
N ARG B 94 27.84 -20.09 -3.63
CA ARG B 94 27.65 -21.48 -3.14
C ARG B 94 26.55 -21.50 -2.07
N HIS B 95 25.66 -22.49 -2.13
CA HIS B 95 24.53 -22.70 -1.18
C HIS B 95 25.01 -22.43 0.24
N THR B 96 24.36 -21.51 0.95
CA THR B 96 24.75 -21.06 2.32
C THR B 96 24.01 -21.85 3.40
N GLY B 97 23.08 -22.73 3.02
CA GLY B 97 22.42 -23.67 3.94
C GLY B 97 21.45 -22.99 4.91
N PHE B 98 21.13 -23.68 6.03
CA PHE B 98 20.05 -23.28 6.96
C PHE B 98 20.54 -22.14 7.84
N ARG B 99 19.86 -21.01 7.73
CA ARG B 99 20.23 -19.67 8.27
C ARG B 99 21.72 -19.42 8.03
N GLY B 100 22.23 -19.79 6.85
CA GLY B 100 23.61 -19.43 6.43
C GLY B 100 24.74 -20.27 7.03
N ASP B 101 24.44 -21.42 7.67
CA ASP B 101 25.43 -22.52 7.95
C ASP B 101 25.38 -23.54 6.80
N PRO B 102 26.35 -23.52 5.85
CA PRO B 102 26.31 -24.45 4.73
C PRO B 102 26.51 -25.94 5.07
N LEU B 103 26.79 -26.30 6.32
CA LEU B 103 26.80 -27.73 6.79
C LEU B 103 25.37 -28.29 6.94
N VAL B 104 24.34 -27.44 6.97
CA VAL B 104 22.92 -27.91 7.07
C VAL B 104 22.21 -27.59 5.74
N GLY B 105 21.86 -28.61 4.95
CA GLY B 105 21.15 -28.43 3.67
C GLY B 105 19.80 -27.75 3.90
N GLU B 106 19.47 -26.74 3.08
CA GLU B 106 18.21 -25.95 3.16
C GLU B 106 17.41 -26.11 1.85
N SER B 107 16.40 -26.98 1.85
CA SER B 107 15.63 -27.33 0.63
C SER B 107 14.66 -26.23 0.15
N HIS B 108 14.42 -25.13 0.88
CA HIS B 108 13.63 -23.95 0.41
C HIS B 108 14.37 -23.18 -0.68
N ASN B 109 15.69 -23.29 -0.72
CA ASN B 109 16.62 -22.32 -1.34
C ASN B 109 16.87 -22.66 -2.82
N THR B 110 15.81 -22.76 -3.61
CA THR B 110 15.84 -23.16 -5.04
C THR B 110 16.44 -22.01 -5.86
N ILE B 111 16.82 -22.34 -7.08
CA ILE B 111 17.29 -21.36 -8.09
C ILE B 111 16.19 -21.17 -9.13
N GLY B 112 15.44 -20.07 -9.01
CA GLY B 112 14.36 -19.75 -9.94
C GLY B 112 14.93 -19.10 -11.18
N LEU B 113 14.37 -19.42 -12.35
CA LEU B 113 14.96 -19.10 -13.67
C LEU B 113 13.88 -18.50 -14.59
N ALA B 114 14.21 -17.42 -15.31
CA ALA B 114 13.37 -16.91 -16.44
C ALA B 114 14.25 -16.36 -17.56
N VAL B 115 13.76 -16.52 -18.79
CA VAL B 115 14.42 -15.98 -20.02
C VAL B 115 13.39 -15.08 -20.72
N SER B 116 13.82 -13.92 -21.18
CA SER B 116 12.91 -12.95 -21.86
C SER B 116 12.87 -13.35 -23.31
N PRO B 117 11.65 -13.55 -23.88
CA PRO B 117 11.49 -13.62 -25.33
C PRO B 117 11.47 -12.23 -25.99
N LEU B 118 11.71 -11.15 -25.25
CA LEU B 118 11.66 -9.74 -25.79
C LEU B 118 13.08 -9.19 -26.05
N ASN B 119 14.06 -9.63 -25.28
CA ASN B 119 15.43 -9.06 -25.34
C ASN B 119 16.47 -10.13 -25.03
N GLY B 120 16.05 -11.39 -24.83
CA GLY B 120 16.96 -12.53 -24.58
C GLY B 120 17.74 -12.44 -23.28
N THR B 121 17.32 -11.62 -22.31
CA THR B 121 17.97 -11.53 -20.99
C THR B 121 17.65 -12.80 -20.20
N ILE B 122 18.67 -13.32 -19.51
CA ILE B 122 18.48 -14.43 -18.54
C ILE B 122 18.38 -13.86 -17.10
N HIS B 123 17.44 -14.39 -16.29
CA HIS B 123 17.16 -13.91 -14.93
C HIS B 123 17.23 -15.08 -13.95
N MET B 124 17.97 -14.93 -12.85
CA MET B 124 18.03 -15.98 -11.80
C MET B 124 17.87 -15.34 -10.42
N VAL B 125 16.99 -15.90 -9.60
CA VAL B 125 16.83 -15.46 -8.19
C VAL B 125 16.99 -16.72 -7.31
N TYR B 126 17.81 -16.72 -6.25
CA TYR B 126 18.30 -18.01 -5.72
C TYR B 126 18.78 -17.95 -4.27
N ASP B 127 18.65 -19.09 -3.57
CA ASP B 127 19.28 -19.39 -2.26
C ASP B 127 18.69 -18.48 -1.18
N MET B 128 17.37 -18.50 -0.98
CA MET B 128 16.66 -17.43 -0.24
C MET B 128 15.61 -18.10 0.62
N HIS B 129 15.56 -17.75 1.90
CA HIS B 129 14.49 -18.14 2.85
C HIS B 129 14.34 -17.06 3.93
N ALA B 130 13.68 -15.96 3.54
CA ALA B 130 13.15 -14.91 4.43
C ALA B 130 14.34 -14.19 5.09
N TYR B 131 15.39 -14.00 4.28
CA TYR B 131 16.67 -13.38 4.69
C TYR B 131 16.45 -11.88 4.86
N VAL B 132 17.07 -11.31 5.91
CA VAL B 132 17.07 -9.84 6.18
C VAL B 132 18.48 -9.41 6.63
N ASP B 133 18.81 -8.12 6.56
CA ASP B 133 19.96 -7.52 7.32
C ASP B 133 19.72 -7.74 8.82
N ASP B 134 20.60 -8.48 9.51
CA ASP B 134 20.56 -8.50 11.00
C ASP B 134 22.01 -8.51 11.52
N ASP B 135 22.19 -8.68 12.82
CA ASP B 135 23.54 -8.70 13.45
C ASP B 135 23.71 -9.98 14.24
N GLU B 136 24.80 -10.07 15.01
CA GLU B 136 25.26 -11.30 15.71
C GLU B 136 24.14 -11.84 16.60
N THR B 137 23.29 -10.95 17.13
CA THR B 137 22.19 -11.25 18.08
C THR B 137 20.93 -11.73 17.33
N GLY B 138 20.93 -11.64 16.00
CA GLY B 138 19.76 -11.96 15.15
C GLY B 138 19.70 -13.44 14.80
N ARG B 139 18.52 -13.88 14.37
CA ARG B 139 18.25 -15.22 13.76
C ARG B 139 19.38 -15.59 12.80
N PHE B 140 19.75 -14.65 11.92
CA PHE B 140 20.65 -14.87 10.76
C PHE B 140 22.09 -14.49 11.12
N LYS B 141 22.29 -13.94 12.32
CA LYS B 141 23.66 -13.69 12.86
C LYS B 141 24.44 -12.82 11.87
N GLY B 142 23.78 -11.84 11.24
CA GLY B 142 24.40 -10.93 10.25
C GLY B 142 24.99 -11.67 9.05
N ARG B 143 24.48 -12.84 8.66
CA ARG B 143 25.09 -13.64 7.57
C ARG B 143 24.57 -13.23 6.18
N PHE B 144 23.55 -12.37 6.09
CA PHE B 144 22.87 -12.00 4.81
C PHE B 144 22.92 -10.47 4.61
N VAL B 145 23.65 -9.78 5.46
CA VAL B 145 23.86 -8.31 5.37
C VAL B 145 24.26 -7.96 3.93
N ASP B 146 23.57 -7.00 3.29
CA ASP B 146 23.79 -6.59 1.87
C ASP B 146 23.66 -7.81 0.93
N ASP B 147 22.97 -8.88 1.34
CA ASP B 147 22.91 -10.12 0.53
C ASP B 147 21.68 -10.97 0.85
N PHE B 148 20.54 -10.34 1.21
CA PHE B 148 19.31 -11.03 1.69
C PHE B 148 18.35 -11.33 0.53
N PHE B 149 18.59 -10.68 -0.62
CA PHE B 149 17.95 -10.95 -1.93
C PHE B 149 19.06 -11.15 -2.96
N ARG B 150 18.96 -12.23 -3.72
CA ARG B 150 20.09 -12.71 -4.54
C ARG B 150 19.64 -12.94 -5.98
N TYR B 151 19.82 -11.89 -6.77
CA TYR B 151 19.41 -11.71 -8.18
C TYR B 151 20.63 -11.66 -9.13
N SER B 152 20.64 -12.52 -10.14
CA SER B 152 21.72 -12.52 -11.17
C SER B 152 21.05 -12.43 -12.53
N PHE B 153 21.61 -11.63 -13.42
CA PHE B 153 20.97 -11.43 -14.74
C PHE B 153 21.98 -11.12 -15.84
N SER B 154 21.58 -11.44 -17.08
CA SER B 154 22.50 -11.33 -18.24
C SER B 154 22.33 -9.99 -18.96
N VAL B 155 23.38 -9.64 -19.70
CA VAL B 155 23.29 -8.68 -20.82
C VAL B 155 22.22 -9.18 -21.79
N ALA B 156 21.66 -8.26 -22.59
CA ALA B 156 20.64 -8.50 -23.64
C ALA B 156 21.23 -9.41 -24.73
N GLY B 157 20.42 -10.32 -25.29
CA GLY B 157 20.78 -11.34 -26.29
C GLY B 157 21.58 -12.53 -25.74
N ALA B 158 21.88 -12.56 -24.44
CA ALA B 158 22.72 -13.64 -23.84
C ALA B 158 22.12 -15.03 -24.12
N ALA B 159 20.80 -15.11 -24.31
CA ALA B 159 20.02 -16.34 -24.58
C ALA B 159 20.55 -17.07 -25.82
N ASP B 160 20.91 -16.29 -26.85
CA ASP B 160 21.05 -16.76 -28.25
C ASP B 160 22.53 -16.84 -28.65
N VAL B 161 23.47 -16.60 -27.74
CA VAL B 161 24.91 -16.59 -28.15
C VAL B 161 25.37 -18.01 -28.49
N PRO B 162 26.40 -18.13 -29.35
CA PRO B 162 26.95 -19.43 -29.71
C PRO B 162 27.52 -20.09 -28.45
N ASP B 163 27.58 -21.42 -28.42
CA ASP B 163 28.05 -22.19 -27.23
C ASP B 163 29.35 -21.59 -26.63
N ASP B 164 30.26 -21.08 -27.47
CA ASP B 164 31.59 -20.56 -27.05
C ASP B 164 31.47 -19.21 -26.29
N GLU B 165 30.34 -18.49 -26.38
CA GLU B 165 30.12 -17.13 -25.79
C GLU B 165 29.25 -17.17 -24.52
N PHE B 166 28.69 -18.35 -24.25
CA PHE B 166 27.75 -18.60 -23.14
C PHE B 166 28.61 -18.88 -21.90
N THR B 167 28.98 -17.79 -21.19
CA THR B 167 29.89 -17.79 -20.02
C THR B 167 29.46 -16.72 -19.02
N LEU B 168 30.07 -16.73 -17.83
CA LEU B 168 29.86 -15.76 -16.72
C LEU B 168 30.04 -14.32 -17.23
N GLU B 169 30.86 -14.11 -18.28
CA GLU B 169 31.06 -12.83 -19.01
C GLU B 169 29.75 -12.28 -19.59
N GLN B 170 28.69 -13.08 -19.70
CA GLN B 170 27.39 -12.57 -20.21
C GLN B 170 26.59 -11.99 -19.03
N PHE B 171 27.05 -12.20 -17.79
CA PHE B 171 26.34 -11.82 -16.55
C PHE B 171 26.92 -10.53 -15.94
N VAL B 172 25.96 -9.71 -15.48
CA VAL B 172 26.14 -8.31 -15.03
C VAL B 172 26.58 -8.33 -13.58
N LYS B 173 27.75 -7.75 -13.34
CA LYS B 173 28.36 -7.73 -11.99
C LYS B 173 27.55 -6.77 -11.11
N ASP B 174 27.48 -7.08 -9.82
CA ASP B 174 27.11 -6.09 -8.77
C ASP B 174 28.27 -5.08 -8.71
N THR B 175 28.05 -3.85 -9.17
CA THR B 175 29.07 -2.77 -9.09
C THR B 175 28.52 -1.58 -8.29
N SER B 176 27.53 -1.81 -7.42
CA SER B 176 26.94 -0.79 -6.52
C SER B 176 27.83 -0.59 -5.29
N GLU B 177 27.45 0.35 -4.42
CA GLU B 177 28.14 0.68 -3.15
C GLU B 177 28.37 -0.60 -2.34
N LEU B 178 27.54 -1.64 -2.53
CA LEU B 178 27.48 -2.78 -1.57
C LEU B 178 28.15 -4.01 -2.20
N SER B 179 28.72 -3.90 -3.41
CA SER B 179 29.48 -4.98 -4.10
C SER B 179 30.45 -5.66 -3.12
N GLN B 180 30.56 -7.00 -3.16
CA GLN B 180 31.41 -7.76 -2.19
C GLN B 180 32.79 -8.10 -2.77
N GLY B 181 33.02 -7.81 -4.05
CA GLY B 181 34.30 -8.07 -4.75
C GLY B 181 34.05 -8.41 -6.21
N ALA B 182 35.13 -8.61 -6.98
CA ALA B 182 35.13 -8.85 -8.43
C ALA B 182 34.25 -10.08 -8.79
N ASP B 183 33.97 -10.97 -7.84
CA ASP B 183 33.21 -12.23 -8.08
C ASP B 183 31.72 -12.06 -7.67
N ASP B 184 31.30 -10.88 -7.20
CA ASP B 184 29.90 -10.57 -6.81
C ASP B 184 29.03 -10.38 -8.08
N TYR B 185 28.18 -11.38 -8.38
CA TYR B 185 27.17 -11.32 -9.45
C TYR B 185 25.75 -11.25 -8.88
N LYS B 186 25.61 -10.96 -7.59
CA LYS B 186 24.29 -11.00 -6.90
C LYS B 186 23.85 -9.54 -6.66
N HIS B 187 22.74 -9.13 -7.26
CA HIS B 187 22.09 -7.81 -7.05
C HIS B 187 21.10 -7.95 -5.90
N LEU B 188 21.07 -6.98 -4.97
CA LEU B 188 20.17 -7.00 -3.79
C LEU B 188 18.74 -6.55 -4.17
N THR B 189 18.55 -5.96 -5.34
CA THR B 189 17.20 -5.60 -5.84
C THR B 189 17.10 -5.93 -7.33
N MET B 190 15.87 -5.95 -7.86
CA MET B 190 15.62 -6.19 -9.31
C MET B 190 15.37 -4.87 -10.03
N THR B 191 15.30 -3.78 -9.30
CA THR B 191 14.97 -2.41 -9.84
C THR B 191 16.25 -1.74 -10.38
N GLY B 192 17.39 -2.27 -9.95
CA GLY B 192 18.72 -1.65 -10.14
C GLY B 192 18.96 -0.50 -9.19
N ASN B 193 18.02 -0.15 -8.30
CA ASN B 193 18.15 1.02 -7.36
C ASN B 193 18.16 0.51 -5.91
N LEU B 194 19.25 0.79 -5.18
CA LEU B 194 19.39 0.36 -3.76
C LEU B 194 18.39 1.10 -2.87
N GLN B 195 17.74 2.17 -3.37
CA GLN B 195 16.62 2.85 -2.68
C GLN B 195 15.54 1.81 -2.33
N ASP B 196 15.47 0.71 -3.08
CA ASP B 196 14.29 -0.19 -2.99
C ASP B 196 14.64 -1.43 -2.16
N LYS B 197 15.78 -1.47 -1.48
CA LYS B 197 16.26 -2.74 -0.87
C LYS B 197 15.27 -3.29 0.18
N GLU B 198 14.54 -2.46 0.94
CA GLU B 198 13.57 -2.92 1.98
C GLU B 198 12.44 -3.72 1.32
N ASN B 199 11.94 -3.23 0.19
CA ASN B 199 10.92 -3.91 -0.66
C ASN B 199 11.34 -5.35 -1.04
N PHE B 200 12.63 -5.65 -1.08
CA PHE B 200 13.16 -6.96 -1.55
C PHE B 200 13.54 -7.88 -0.39
N SER B 201 13.15 -7.51 0.85
CA SER B 201 13.58 -8.10 2.14
C SER B 201 12.59 -9.20 2.54
N ALA B 202 13.12 -10.29 3.11
CA ALA B 202 12.33 -11.37 3.76
C ALA B 202 11.37 -12.07 2.79
N LEU B 203 11.87 -12.53 1.64
CA LEU B 203 11.11 -13.31 0.62
C LEU B 203 11.65 -14.75 0.45
N THR B 204 10.78 -15.66 0.08
CA THR B 204 11.13 -17.10 -0.23
C THR B 204 10.41 -17.50 -1.51
N TYR B 205 10.88 -18.55 -2.20
CA TYR B 205 10.26 -19.22 -3.38
C TYR B 205 10.13 -18.31 -4.61
N PRO B 206 11.22 -18.12 -5.40
CA PRO B 206 11.14 -17.36 -6.64
C PRO B 206 10.45 -18.21 -7.73
N LYS B 207 9.49 -17.61 -8.42
CA LYS B 207 8.71 -18.26 -9.50
C LYS B 207 8.41 -17.21 -10.57
N PHE B 208 8.73 -17.52 -11.80
CA PHE B 208 8.50 -16.65 -12.96
C PHE B 208 7.49 -17.30 -13.90
N TYR B 209 6.84 -16.42 -14.67
CA TYR B 209 5.89 -16.71 -15.75
C TYR B 209 6.18 -15.72 -16.87
N THR B 210 5.93 -16.20 -18.07
CA THR B 210 5.93 -15.39 -19.31
C THR B 210 4.47 -15.13 -19.65
N SER B 211 4.13 -13.87 -19.91
CA SER B 211 2.78 -13.43 -20.34
C SER B 211 2.54 -13.87 -21.78
N ASP B 212 1.29 -13.78 -22.21
CA ASP B 212 0.84 -14.09 -23.60
C ASP B 212 1.61 -13.19 -24.56
N ASP B 213 2.09 -12.03 -24.12
CA ASP B 213 2.73 -11.00 -25.00
C ASP B 213 4.23 -10.98 -24.77
N GLY B 214 4.76 -11.98 -24.09
CA GLY B 214 6.20 -12.12 -23.84
C GLY B 214 6.74 -11.33 -22.68
N GLU B 215 5.90 -10.79 -21.79
CA GLU B 215 6.36 -9.98 -20.63
C GLU B 215 6.71 -10.93 -19.47
N LEU B 216 7.83 -10.75 -18.80
CA LEU B 216 8.15 -11.61 -17.62
C LEU B 216 7.41 -11.14 -16.38
N LEU B 217 6.74 -12.04 -15.64
CA LEU B 217 6.20 -11.69 -14.31
C LEU B 217 6.95 -12.51 -13.27
N HIS B 218 6.99 -12.05 -12.02
CA HIS B 218 7.69 -12.76 -10.91
C HIS B 218 6.87 -12.69 -9.62
N TYR B 219 6.88 -13.72 -8.78
CA TYR B 219 6.25 -13.57 -7.45
C TYR B 219 7.06 -14.36 -6.44
N MET B 220 7.05 -13.83 -5.23
CA MET B 220 7.63 -14.53 -4.06
C MET B 220 6.71 -14.37 -2.85
N ARG B 221 7.07 -15.04 -1.77
CA ARG B 221 6.14 -15.23 -0.62
C ARG B 221 6.79 -14.67 0.65
N TRP B 222 6.00 -14.03 1.47
CA TRP B 222 6.44 -13.48 2.78
C TRP B 222 5.73 -14.23 3.92
N GLY B 223 6.39 -14.44 5.06
CA GLY B 223 5.73 -15.01 6.23
C GLY B 223 5.49 -16.49 6.03
N GLY B 224 4.35 -16.99 6.47
CA GLY B 224 4.00 -18.42 6.52
C GLY B 224 3.32 -18.74 7.84
N ASN B 225 3.33 -19.99 8.32
CA ASN B 225 2.38 -20.43 9.38
C ASN B 225 1.04 -19.74 9.08
N ASN B 226 0.58 -18.86 9.94
CA ASN B 226 -0.82 -18.33 9.88
C ASN B 226 -0.79 -16.84 9.56
N ASN B 227 0.30 -16.36 8.96
CA ASN B 227 0.40 -14.90 8.64
C ASN B 227 1.42 -14.73 7.52
N GLY B 228 0.91 -14.52 6.33
CA GLY B 228 1.68 -14.58 5.08
C GLY B 228 1.14 -13.58 4.07
N ALA B 229 1.92 -13.26 3.04
CA ALA B 229 1.40 -12.60 1.80
C ALA B 229 2.23 -12.97 0.56
N TYR B 230 1.62 -12.89 -0.63
CA TYR B 230 2.30 -13.04 -1.94
C TYR B 230 2.53 -11.65 -2.54
N TYR B 231 3.75 -11.44 -3.04
CA TYR B 231 4.28 -10.21 -3.66
C TYR B 231 4.69 -10.54 -5.07
N PHE B 232 4.34 -9.69 -6.04
CA PHE B 232 4.68 -9.93 -7.44
C PHE B 232 5.25 -8.64 -8.06
N ASN B 233 6.02 -8.82 -9.14
CA ASN B 233 6.61 -7.70 -9.91
C ASN B 233 6.72 -8.13 -11.37
N LYS B 234 7.35 -7.27 -12.15
CA LYS B 234 7.23 -7.32 -13.61
C LYS B 234 8.55 -6.82 -14.22
N TYR B 235 8.98 -7.45 -15.30
CA TYR B 235 10.20 -7.04 -16.04
C TYR B 235 9.80 -5.96 -17.08
N ASP B 236 10.56 -4.88 -17.07
CA ASP B 236 10.48 -3.80 -18.09
C ASP B 236 11.58 -4.07 -19.12
N ALA B 237 11.31 -4.72 -20.24
CA ALA B 237 12.38 -5.23 -21.13
C ALA B 237 13.14 -4.05 -21.75
N LYS B 238 12.45 -3.03 -22.29
CA LYS B 238 13.11 -1.81 -22.89
C LYS B 238 14.13 -1.15 -21.91
N ASN B 239 13.84 -1.09 -20.61
CA ASN B 239 14.76 -0.44 -19.62
C ASN B 239 15.56 -1.52 -18.82
N GLN B 240 15.43 -2.81 -19.16
CA GLN B 240 16.21 -3.95 -18.62
C GLN B 240 16.28 -3.87 -17.08
N LYS B 241 15.13 -3.79 -16.45
CA LYS B 241 15.01 -4.01 -15.00
C LYS B 241 13.55 -4.20 -14.62
N TRP B 242 13.32 -4.41 -13.33
CA TRP B 242 11.98 -4.86 -12.88
C TRP B 242 11.37 -3.75 -12.03
N THR B 243 10.06 -3.87 -11.79
CA THR B 243 9.31 -2.96 -10.92
C THR B 243 9.51 -3.42 -9.46
N ARG B 244 9.10 -2.59 -8.51
CA ARG B 244 9.13 -3.05 -7.10
C ARG B 244 8.00 -4.05 -6.91
N PHE B 245 8.11 -4.85 -5.86
CA PHE B 245 7.07 -5.84 -5.48
C PHE B 245 5.85 -5.10 -4.97
N THR B 246 4.70 -5.63 -5.38
CA THR B 246 3.37 -5.25 -4.90
C THR B 246 2.71 -6.47 -4.29
N PRO B 247 1.98 -6.30 -3.17
CA PRO B 247 1.23 -7.40 -2.56
C PRO B 247 0.00 -7.85 -3.35
N PHE B 248 -0.26 -9.17 -3.30
CA PHE B 248 -1.63 -9.69 -3.49
C PHE B 248 -2.53 -9.29 -2.31
N ASN B 249 -2.10 -9.63 -1.09
CA ASN B 249 -2.91 -9.52 0.15
C ASN B 249 -2.08 -8.79 1.18
N HIS B 250 -2.76 -8.12 2.14
CA HIS B 250 -2.10 -7.47 3.27
C HIS B 250 -1.60 -8.57 4.21
N LYS B 251 -0.36 -8.47 4.61
CA LYS B 251 0.14 -9.25 5.78
C LYS B 251 -0.58 -8.68 7.01
N ASP B 252 -0.54 -9.36 8.15
CA ASP B 252 -1.07 -8.81 9.42
C ASP B 252 -2.53 -8.39 9.24
N GLN B 253 -3.34 -9.27 8.68
CA GLN B 253 -4.73 -8.96 8.26
C GLN B 253 -5.52 -8.38 9.46
N LYS B 254 -5.25 -8.79 10.70
CA LYS B 254 -6.04 -8.33 11.88
C LYS B 254 -5.82 -6.84 12.10
N THR B 255 -4.69 -6.26 11.70
CA THR B 255 -4.47 -4.78 11.81
C THR B 255 -5.08 -4.04 10.62
N HIS B 256 -5.49 -4.72 9.56
CA HIS B 256 -5.99 -4.06 8.32
C HIS B 256 -7.51 -4.23 8.20
N GLY B 257 -8.19 -4.70 9.24
CA GLY B 257 -9.66 -4.77 9.16
C GLY B 257 -10.23 -6.16 9.29
N ASN B 258 -9.40 -7.22 9.38
CA ASN B 258 -9.91 -8.61 9.43
C ASN B 258 -10.10 -9.06 10.89
N ALA B 259 -10.94 -10.09 11.07
CA ALA B 259 -11.11 -10.76 12.38
C ALA B 259 -9.84 -11.54 12.77
N TYR B 260 -9.07 -12.07 11.82
CA TYR B 260 -7.91 -12.95 12.09
C TYR B 260 -6.78 -12.70 11.10
N ASN B 261 -5.57 -13.01 11.53
CA ASN B 261 -4.43 -13.19 10.61
C ASN B 261 -4.59 -14.51 9.86
N TRP B 262 -4.12 -14.54 8.62
CA TRP B 262 -4.08 -15.83 7.87
C TRP B 262 -2.87 -15.97 6.95
N GLY B 263 -2.43 -17.24 6.79
CA GLY B 263 -1.37 -17.66 5.85
C GLY B 263 -1.94 -18.33 4.61
N LEU B 264 -1.14 -18.41 3.55
CA LEU B 264 -1.56 -18.89 2.21
C LEU B 264 -0.74 -20.11 1.84
N TYR B 265 -1.44 -21.18 1.51
CA TYR B 265 -0.86 -22.48 1.08
C TYR B 265 -1.40 -22.75 -0.31
N GLY B 266 -0.66 -22.20 -1.27
CA GLY B 266 -1.10 -22.22 -2.66
C GLY B 266 -0.05 -21.64 -3.55
N GLN B 267 -0.49 -21.10 -4.67
CA GLN B 267 0.43 -20.60 -5.69
C GLN B 267 -0.31 -19.55 -6.51
N MET B 268 0.41 -18.53 -6.95
CA MET B 268 -0.03 -17.63 -8.06
C MET B 268 0.48 -18.32 -9.32
N LYS B 269 -0.28 -18.20 -10.41
CA LYS B 269 0.06 -18.75 -11.73
C LYS B 269 -0.47 -17.74 -12.74
N TYR B 270 0.35 -17.33 -13.69
CA TYR B 270 -0.14 -16.75 -14.95
C TYR B 270 -0.65 -17.91 -15.82
N ILE B 271 -1.95 -17.94 -16.07
CA ILE B 271 -2.55 -19.09 -16.80
C ILE B 271 -3.82 -18.66 -17.54
N ASN B 272 -4.07 -19.25 -18.72
CA ASN B 272 -5.17 -18.85 -19.64
C ASN B 272 -5.20 -17.33 -19.73
N GLY B 273 -4.04 -16.71 -19.97
CA GLY B 273 -3.91 -15.29 -20.30
C GLY B 273 -4.12 -14.31 -19.13
N LYS B 274 -4.00 -14.71 -17.85
CA LYS B 274 -4.15 -13.75 -16.73
C LYS B 274 -3.34 -14.17 -15.52
N LEU B 275 -2.93 -13.21 -14.69
CA LEU B 275 -2.40 -13.50 -13.35
C LEU B 275 -3.58 -13.99 -12.50
N ARG B 276 -3.42 -15.08 -11.75
CA ARG B 276 -4.48 -15.58 -10.86
C ARG B 276 -3.83 -16.22 -9.65
N VAL B 277 -4.64 -16.62 -8.70
CA VAL B 277 -4.10 -17.26 -7.46
C VAL B 277 -5.07 -18.36 -7.06
N GLY B 278 -4.53 -19.41 -6.42
CA GLY B 278 -5.37 -20.42 -5.78
C GLY B 278 -4.70 -20.90 -4.52
N PHE B 279 -5.44 -20.99 -3.44
CA PHE B 279 -4.79 -21.35 -2.16
C PHE B 279 -5.80 -21.83 -1.15
N GLN B 280 -5.27 -22.44 -0.08
CA GLN B 280 -6.03 -22.86 1.11
C GLN B 280 -5.44 -21.98 2.20
N GLN B 281 -6.29 -21.42 3.04
CA GLN B 281 -5.78 -20.52 4.12
C GLN B 281 -5.40 -21.30 5.37
N ARG B 282 -4.47 -20.73 6.17
CA ARG B 282 -4.20 -21.18 7.57
C ARG B 282 -4.59 -20.02 8.47
N SER B 283 -5.78 -20.09 9.02
CA SER B 283 -6.26 -19.09 10.01
C SER B 283 -5.42 -19.17 11.29
N ALA B 284 -5.21 -18.02 11.94
CA ALA B 284 -4.54 -17.92 13.24
C ALA B 284 -5.42 -18.46 14.36
N ASN B 285 -6.68 -18.74 14.07
CA ASN B 285 -7.63 -19.29 15.06
C ASN B 285 -7.25 -20.75 15.34
N ASN B 286 -6.89 -21.05 16.58
CA ASN B 286 -6.44 -22.39 17.02
C ASN B 286 -7.55 -23.05 17.82
N ASP B 287 -8.76 -22.46 17.85
CA ASP B 287 -9.94 -22.98 18.60
C ASP B 287 -10.98 -23.62 17.66
N ASP B 288 -10.90 -23.37 16.36
CA ASP B 288 -11.87 -23.92 15.37
C ASP B 288 -11.47 -25.36 14.97
N ARG B 289 -12.27 -26.01 14.11
CA ARG B 289 -12.09 -27.46 13.80
C ARG B 289 -10.87 -27.72 12.92
N PHE B 290 -10.33 -26.71 12.23
CA PHE B 290 -9.21 -26.88 11.29
C PHE B 290 -7.85 -26.74 11.97
N LYS B 291 -7.11 -27.84 12.04
CA LYS B 291 -5.81 -27.85 12.76
C LYS B 291 -4.87 -26.93 12.00
N TYR B 292 -4.95 -26.96 10.67
CA TYR B 292 -4.00 -26.31 9.76
C TYR B 292 -4.85 -25.54 8.74
N GLN B 293 -4.93 -25.98 7.49
CA GLN B 293 -5.53 -25.14 6.42
C GLN B 293 -7.02 -25.43 6.39
N ASN B 294 -7.75 -24.53 5.83
CA ASN B 294 -9.19 -24.73 5.56
C ASN B 294 -9.47 -24.02 4.25
N GLY B 295 -10.59 -24.32 3.59
CA GLY B 295 -11.07 -23.62 2.39
C GLY B 295 -10.33 -23.86 1.09
N VAL B 296 -10.97 -23.41 0.01
CA VAL B 296 -10.39 -23.29 -1.35
C VAL B 296 -10.73 -21.90 -1.85
N TYR B 297 -9.69 -21.16 -2.21
CA TYR B 297 -9.82 -19.71 -2.49
C TYR B 297 -9.22 -19.44 -3.85
N TYR B 298 -9.81 -18.53 -4.61
CA TYR B 298 -9.31 -18.29 -5.97
C TYR B 298 -9.71 -16.92 -6.47
N ALA B 299 -8.80 -16.30 -7.23
CA ALA B 299 -9.09 -14.97 -7.84
C ALA B 299 -8.22 -14.73 -9.06
N TYR B 300 -8.67 -13.90 -10.00
CA TYR B 300 -7.86 -13.54 -11.17
C TYR B 300 -7.85 -12.04 -11.33
N SER B 301 -6.82 -11.51 -11.99
CA SER B 301 -6.66 -10.06 -12.27
C SER B 301 -6.96 -9.80 -13.74
N ASP B 302 -7.63 -8.67 -14.02
CA ASP B 302 -7.92 -8.20 -15.40
C ASP B 302 -6.91 -7.13 -15.80
N HIS B 303 -5.99 -6.79 -14.90
CA HIS B 303 -4.84 -5.91 -15.15
C HIS B 303 -3.71 -6.78 -15.67
N PRO B 304 -3.06 -6.46 -16.81
CA PRO B 304 -1.96 -7.27 -17.34
C PRO B 304 -0.81 -7.52 -16.35
N ASP B 305 -0.55 -6.58 -15.42
CA ASP B 305 0.54 -6.66 -14.44
C ASP B 305 0.04 -7.04 -13.02
N GLY B 306 -1.25 -7.29 -12.82
CA GLY B 306 -1.78 -7.67 -11.49
C GLY B 306 -2.11 -6.45 -10.66
N LEU B 307 -2.01 -5.25 -11.25
CA LEU B 307 -2.10 -4.00 -10.43
C LEU B 307 -3.57 -3.56 -10.38
N GLY B 308 -4.38 -4.38 -9.71
CA GLY B 308 -5.81 -4.08 -9.49
C GLY B 308 -6.72 -4.86 -10.39
N ASN B 309 -8.03 -4.58 -10.33
CA ASN B 309 -9.04 -5.27 -11.17
C ASN B 309 -9.02 -6.79 -10.87
N TRP B 310 -8.89 -7.16 -9.60
CA TRP B 310 -9.02 -8.54 -9.13
C TRP B 310 -10.50 -8.88 -9.04
N LYS B 311 -10.84 -10.12 -9.38
CA LYS B 311 -12.22 -10.66 -9.30
C LYS B 311 -12.25 -12.11 -8.85
N ASN B 312 -13.38 -12.52 -8.28
CA ASN B 312 -13.59 -13.91 -7.82
C ASN B 312 -14.18 -14.69 -8.99
N VAL B 313 -14.42 -15.98 -8.80
CA VAL B 313 -14.74 -16.88 -9.94
C VAL B 313 -16.04 -16.39 -10.59
N ASP B 314 -16.87 -15.68 -9.83
CA ASP B 314 -18.20 -15.16 -10.27
C ASP B 314 -18.07 -13.78 -10.94
N GLY B 315 -16.87 -13.23 -11.07
CA GLY B 315 -16.63 -11.94 -11.73
C GLY B 315 -16.90 -10.73 -10.82
N GLU B 316 -17.10 -10.95 -9.52
CA GLU B 316 -17.35 -9.89 -8.51
C GLU B 316 -16.01 -9.24 -8.17
N ASP B 317 -16.00 -7.94 -7.87
CA ASP B 317 -14.75 -7.18 -7.57
C ASP B 317 -14.16 -7.64 -6.24
N MET B 318 -12.84 -7.84 -6.22
CA MET B 318 -12.09 -8.23 -5.00
C MET B 318 -11.38 -6.97 -4.48
N THR B 319 -11.52 -6.72 -3.18
CA THR B 319 -10.69 -5.74 -2.47
C THR B 319 -9.24 -6.12 -2.73
N TRP B 320 -8.44 -5.16 -3.16
CA TRP B 320 -7.01 -5.39 -3.48
C TRP B 320 -6.18 -4.27 -2.85
N PRO B 321 -5.08 -4.54 -2.11
CA PRO B 321 -4.76 -5.88 -1.61
C PRO B 321 -5.82 -6.43 -0.64
N LEU B 322 -5.92 -7.74 -0.60
CA LEU B 322 -7.06 -8.44 0.01
C LEU B 322 -6.84 -8.48 1.52
N VAL B 323 -7.92 -8.37 2.28
CA VAL B 323 -7.87 -8.46 3.76
C VAL B 323 -8.63 -9.70 4.22
N ASN B 324 -9.85 -9.86 3.69
CA ASN B 324 -10.85 -10.88 4.07
C ASN B 324 -10.89 -11.95 2.99
N SER B 325 -10.37 -13.14 3.31
CA SER B 325 -10.29 -14.34 2.42
C SER B 325 -11.72 -14.78 2.04
N ASP B 326 -12.70 -14.52 2.91
CA ASP B 326 -14.12 -14.82 2.60
C ASP B 326 -14.49 -14.30 1.20
N GLU B 327 -13.90 -13.21 0.74
CA GLU B 327 -14.29 -12.62 -0.58
C GLU B 327 -14.06 -13.59 -1.76
N ILE B 328 -13.11 -14.48 -1.68
CA ILE B 328 -12.79 -15.32 -2.88
C ILE B 328 -12.91 -16.81 -2.60
N LYS B 329 -13.66 -17.20 -1.56
CA LYS B 329 -13.86 -18.61 -1.17
C LYS B 329 -14.78 -19.26 -2.22
N ILE B 330 -14.35 -20.37 -2.81
CA ILE B 330 -15.16 -21.17 -3.77
C ILE B 330 -16.00 -22.17 -2.97
N PHE B 331 -15.38 -22.94 -2.08
CA PHE B 331 -16.12 -23.92 -1.24
C PHE B 331 -15.21 -24.32 -0.09
N GLU B 332 -15.74 -25.05 0.86
CA GLU B 332 -14.99 -25.57 2.02
C GLU B 332 -14.82 -27.09 1.87
N PRO B 333 -13.59 -27.59 1.61
CA PRO B 333 -13.37 -29.04 1.70
C PRO B 333 -13.74 -29.63 3.07
N GLY B 334 -13.78 -28.78 4.13
CA GLY B 334 -14.22 -29.17 5.46
C GLY B 334 -15.64 -29.69 5.44
N ASP B 335 -16.43 -29.34 4.42
CA ASP B 335 -17.85 -29.77 4.31
C ASP B 335 -17.92 -31.31 4.21
N TYR B 336 -16.83 -31.98 3.86
CA TYR B 336 -16.81 -33.42 3.46
C TYR B 336 -16.34 -34.33 4.60
N ILE B 337 -16.18 -33.79 5.81
CA ILE B 337 -15.78 -34.55 7.03
C ILE B 337 -16.65 -34.10 8.22
N ASP B 338 -17.06 -35.02 9.07
CA ASP B 338 -18.13 -34.81 10.08
C ASP B 338 -17.61 -34.09 11.34
N HIS B 339 -16.30 -33.92 11.47
CA HIS B 339 -15.66 -33.59 12.75
C HIS B 339 -15.94 -32.12 13.10
N THR B 340 -16.32 -31.86 14.35
CA THR B 340 -16.58 -30.48 14.87
C THR B 340 -15.68 -30.14 16.06
N ALA B 341 -14.95 -31.08 16.65
CA ALA B 341 -14.05 -30.79 17.80
C ALA B 341 -12.91 -29.90 17.32
N PRO B 342 -12.36 -29.00 18.18
CA PRO B 342 -11.24 -28.14 17.79
C PRO B 342 -10.07 -28.96 17.25
N ASN B 343 -9.43 -28.47 16.19
CA ASN B 343 -8.25 -29.10 15.59
C ASN B 343 -8.50 -30.53 15.13
N SER B 344 -9.75 -30.95 14.94
CA SER B 344 -10.11 -32.34 14.53
C SER B 344 -9.98 -32.59 13.02
N VAL B 345 -9.84 -31.53 12.21
CA VAL B 345 -9.90 -31.59 10.71
C VAL B 345 -8.54 -31.15 10.16
N HIS B 346 -7.86 -32.05 9.46
CA HIS B 346 -6.46 -31.90 8.99
C HIS B 346 -6.47 -31.71 7.48
N ILE B 347 -6.10 -30.50 7.03
CA ILE B 347 -5.93 -30.15 5.58
C ILE B 347 -4.52 -29.57 5.43
N VAL B 348 -3.62 -30.30 4.76
CA VAL B 348 -2.24 -29.83 4.41
C VAL B 348 -1.94 -30.19 2.94
N THR B 349 -1.79 -31.49 2.64
CA THR B 349 -1.23 -31.96 1.34
C THR B 349 -2.34 -32.12 0.28
N GLY B 350 -1.90 -32.47 -0.93
CA GLY B 350 -2.73 -32.83 -2.09
C GLY B 350 -3.47 -31.62 -2.67
N PHE B 351 -3.02 -30.39 -2.46
CA PHE B 351 -3.74 -29.22 -3.03
C PHE B 351 -2.98 -28.66 -4.23
N ASP B 352 -3.74 -28.27 -5.27
CA ASP B 352 -3.26 -27.54 -6.47
C ASP B 352 -4.47 -27.17 -7.31
N TRP B 353 -4.28 -26.35 -8.35
CA TRP B 353 -5.41 -25.86 -9.14
C TRP B 353 -4.85 -25.50 -10.51
N THR B 354 -5.74 -25.39 -11.48
CA THR B 354 -5.40 -24.89 -12.84
C THR B 354 -6.62 -24.35 -13.55
N VAL B 355 -6.36 -23.62 -14.64
CA VAL B 355 -7.37 -23.11 -15.62
C VAL B 355 -6.93 -23.53 -17.02
N THR B 356 -7.79 -24.26 -17.73
CA THR B 356 -7.50 -24.71 -19.12
C THR B 356 -7.67 -23.54 -20.08
N GLU B 357 -7.21 -23.70 -21.31
CA GLU B 357 -7.26 -22.63 -22.35
C GLU B 357 -8.71 -22.39 -22.81
N ASN B 358 -9.60 -23.35 -22.54
CA ASN B 358 -11.07 -23.26 -22.75
C ASN B 358 -11.75 -22.63 -21.52
N ASP B 359 -11.00 -22.19 -20.49
CA ASP B 359 -11.57 -21.50 -19.29
C ASP B 359 -12.24 -22.52 -18.33
N ASP B 360 -11.90 -23.82 -18.39
CA ASP B 360 -12.36 -24.81 -17.39
C ASP B 360 -11.52 -24.59 -16.12
N VAL B 361 -12.14 -24.53 -14.94
CA VAL B 361 -11.41 -24.27 -13.67
C VAL B 361 -11.34 -25.56 -12.83
N HIS B 362 -10.13 -25.97 -12.43
CA HIS B 362 -9.93 -27.22 -11.66
C HIS B 362 -9.27 -26.96 -10.31
N PHE B 363 -9.81 -27.53 -9.25
CA PHE B 363 -9.10 -27.69 -7.96
C PHE B 363 -9.02 -29.15 -7.55
N ILE B 364 -7.90 -29.53 -6.94
CA ILE B 364 -7.81 -30.79 -6.16
C ILE B 364 -7.49 -30.44 -4.72
N THR B 365 -7.93 -31.29 -3.78
CA THR B 365 -7.60 -31.13 -2.36
C THR B 365 -7.75 -32.51 -1.71
N HIS B 366 -7.49 -32.56 -0.41
CA HIS B 366 -7.47 -33.80 0.39
C HIS B 366 -7.80 -33.42 1.83
N VAL B 367 -8.65 -34.18 2.50
CA VAL B 367 -9.05 -33.86 3.89
C VAL B 367 -9.07 -35.16 4.69
N ARG B 368 -8.59 -35.13 5.92
CA ARG B 368 -8.64 -36.31 6.81
C ARG B 368 -8.80 -35.91 8.28
N SER B 369 -9.17 -36.88 9.11
CA SER B 369 -9.16 -36.74 10.58
C SER B 369 -7.73 -36.44 11.05
N THR B 370 -7.56 -35.50 11.96
CA THR B 370 -6.27 -35.24 12.63
C THR B 370 -5.88 -36.46 13.46
N ASP B 371 -6.85 -37.08 14.14
CA ASP B 371 -6.68 -38.30 14.98
C ASP B 371 -6.79 -39.51 14.03
N THR B 372 -5.68 -40.12 13.63
CA THR B 372 -5.68 -41.28 12.69
C THR B 372 -6.14 -42.55 13.43
N LYS B 373 -6.25 -42.50 14.76
CA LYS B 373 -6.62 -43.65 15.61
C LYS B 373 -8.13 -43.71 15.85
N ARG B 374 -8.87 -42.61 15.69
CA ARG B 374 -10.32 -42.60 15.97
C ARG B 374 -11.04 -43.66 15.13
N SER B 375 -12.03 -44.33 15.71
CA SER B 375 -12.85 -45.40 15.07
C SER B 375 -13.63 -44.84 13.88
N ASP B 376 -14.03 -43.56 13.93
CA ASP B 376 -14.76 -42.87 12.83
C ASP B 376 -13.78 -42.01 12.02
N TYR B 377 -12.58 -42.52 11.75
CA TYR B 377 -11.56 -41.88 10.87
C TYR B 377 -12.12 -41.78 9.45
N LYS B 378 -11.74 -40.70 8.77
CA LYS B 378 -12.28 -40.28 7.47
C LYS B 378 -11.09 -39.67 6.73
N GLU B 379 -10.96 -40.00 5.46
CA GLU B 379 -9.94 -39.42 4.55
C GLU B 379 -10.49 -39.51 3.12
N VAL B 380 -10.49 -38.38 2.44
CA VAL B 380 -11.07 -38.21 1.09
C VAL B 380 -10.14 -37.31 0.29
N SER B 381 -10.02 -37.57 -1.00
CA SER B 381 -9.45 -36.64 -2.00
C SER B 381 -10.62 -36.08 -2.81
N ILE B 382 -10.47 -34.84 -3.24
CA ILE B 382 -11.59 -34.03 -3.81
C ILE B 382 -11.09 -33.39 -5.08
N HIS B 383 -11.90 -33.49 -6.11
CA HIS B 383 -11.74 -32.77 -7.38
C HIS B 383 -13.01 -31.92 -7.58
N ALA B 384 -12.79 -30.61 -7.61
CA ALA B 384 -13.83 -29.57 -7.83
C ALA B 384 -13.52 -28.86 -9.15
N PHE B 385 -14.45 -28.85 -10.10
CA PHE B 385 -14.17 -28.33 -11.44
C PHE B 385 -15.42 -27.71 -12.04
N LYS B 386 -15.19 -26.62 -12.76
CA LYS B 386 -16.22 -25.79 -13.41
C LYS B 386 -15.93 -25.76 -14.90
N PRO B 387 -16.65 -26.62 -15.67
CA PRO B 387 -16.56 -26.62 -17.13
C PRO B 387 -16.90 -25.22 -17.66
N ALA B 388 -16.28 -24.85 -18.78
CA ALA B 388 -16.26 -23.50 -19.36
C ALA B 388 -17.66 -22.85 -19.36
N ASN B 389 -18.70 -23.58 -19.75
CA ASN B 389 -20.05 -22.97 -19.95
C ASN B 389 -21.01 -23.56 -18.92
N ALA B 390 -20.52 -23.82 -17.70
CA ALA B 390 -21.33 -24.30 -16.56
C ALA B 390 -21.54 -23.16 -15.56
N VAL B 391 -22.61 -23.28 -14.77
CA VAL B 391 -23.07 -22.28 -13.77
C VAL B 391 -22.16 -22.36 -12.54
N ASP B 392 -22.08 -23.57 -11.95
CA ASP B 392 -21.44 -23.81 -10.64
C ASP B 392 -20.39 -24.90 -10.81
N PHE B 393 -19.72 -25.26 -9.70
CA PHE B 393 -18.66 -26.29 -9.69
C PHE B 393 -19.31 -27.66 -9.61
N THR B 394 -18.72 -28.67 -10.25
CA THR B 394 -18.96 -30.10 -9.93
C THR B 394 -17.91 -30.50 -8.90
N ILE B 395 -18.33 -31.03 -7.75
CA ILE B 395 -17.36 -31.42 -6.66
C ILE B 395 -17.49 -32.92 -6.41
N THR B 396 -16.41 -33.69 -6.71
CA THR B 396 -16.37 -35.17 -6.49
C THR B 396 -15.30 -35.64 -5.49
N THR B 397 -15.65 -36.71 -4.78
CA THR B 397 -14.81 -37.55 -3.90
C THR B 397 -14.26 -38.75 -4.71
N ASP B 398 -14.72 -38.97 -5.94
CA ASP B 398 -14.28 -40.09 -6.82
C ASP B 398 -13.02 -39.68 -7.57
N PHE B 399 -11.91 -39.63 -6.85
CA PHE B 399 -10.62 -39.02 -7.27
C PHE B 399 -9.56 -39.57 -6.31
N THR B 400 -8.44 -40.08 -6.81
CA THR B 400 -7.47 -40.81 -5.96
C THR B 400 -6.43 -39.86 -5.36
N GLY B 401 -6.43 -38.58 -5.74
CA GLY B 401 -5.59 -37.55 -5.11
C GLY B 401 -4.36 -37.30 -5.95
N ALA B 402 -3.82 -36.09 -5.93
CA ALA B 402 -2.46 -35.81 -6.48
C ALA B 402 -1.81 -34.67 -5.71
N ASP B 403 -0.50 -34.45 -5.92
CA ASP B 403 0.17 -33.25 -5.38
C ASP B 403 0.16 -32.07 -6.37
N SER B 404 -0.02 -32.32 -7.67
CA SER B 404 -0.11 -31.24 -8.69
C SER B 404 -1.15 -31.57 -9.76
N ILE B 405 -1.58 -30.54 -10.49
CA ILE B 405 -2.40 -30.68 -11.72
C ILE B 405 -1.89 -29.66 -12.74
N TYR B 406 -1.78 -30.09 -13.99
CA TYR B 406 -1.19 -29.32 -15.09
C TYR B 406 -2.22 -29.32 -16.20
N THR B 407 -2.05 -28.44 -17.18
CA THR B 407 -2.97 -28.28 -18.30
C THR B 407 -2.22 -27.91 -19.58
N SER B 408 -2.72 -28.38 -20.71
CA SER B 408 -2.17 -28.08 -22.06
C SER B 408 -3.25 -28.39 -23.09
N GLY B 409 -3.46 -27.49 -24.03
CA GLY B 409 -4.58 -27.57 -24.98
C GLY B 409 -5.86 -28.00 -24.29
N ASP B 410 -6.49 -29.08 -24.74
CA ASP B 410 -7.89 -29.36 -24.39
C ASP B 410 -7.93 -30.25 -23.15
N SER B 411 -6.79 -30.49 -22.48
CA SER B 411 -6.70 -31.55 -21.44
C SER B 411 -6.09 -31.04 -20.15
N ILE B 412 -6.25 -31.85 -19.11
CA ILE B 412 -5.60 -31.68 -17.78
C ILE B 412 -4.83 -32.97 -17.49
N PHE B 413 -3.80 -32.92 -16.62
CA PHE B 413 -2.77 -33.99 -16.43
C PHE B 413 -2.37 -34.04 -14.97
N ILE B 414 -2.13 -35.25 -14.49
CA ILE B 414 -1.36 -35.56 -13.26
C ILE B 414 -0.09 -36.25 -13.73
N ILE B 415 1.04 -35.71 -13.29
CA ILE B 415 2.38 -36.14 -13.76
C ILE B 415 3.23 -36.35 -12.53
N GLY B 416 3.81 -37.54 -12.39
CA GLY B 416 4.73 -37.79 -11.27
C GLY B 416 5.55 -39.02 -11.51
N LEU B 417 6.12 -39.52 -10.43
CA LEU B 417 6.98 -40.71 -10.36
C LEU B 417 6.21 -41.82 -9.63
N LYS B 418 6.20 -42.98 -10.25
CA LYS B 418 5.67 -44.23 -9.65
C LYS B 418 6.81 -45.24 -9.72
N ASN B 419 7.30 -45.69 -8.55
CA ASN B 419 8.43 -46.64 -8.35
C ASN B 419 9.66 -46.09 -9.09
N GLY B 420 9.81 -44.76 -9.04
CA GLY B 420 10.99 -44.03 -9.57
C GLY B 420 10.88 -43.78 -11.06
N TYR B 421 9.74 -44.08 -11.69
CA TYR B 421 9.52 -43.83 -13.16
C TYR B 421 8.38 -42.82 -13.40
N PRO B 422 8.55 -41.82 -14.30
CA PRO B 422 7.46 -41.00 -14.73
C PRO B 422 6.24 -41.79 -15.22
N PHE B 423 5.08 -41.26 -14.86
CA PHE B 423 3.76 -41.65 -15.38
C PHE B 423 3.01 -40.36 -15.75
N VAL B 424 2.03 -40.50 -16.63
CA VAL B 424 1.07 -39.41 -16.97
C VAL B 424 -0.36 -39.97 -16.96
N GLU B 425 -1.24 -39.33 -16.22
CA GLU B 425 -2.73 -39.48 -16.34
C GLU B 425 -3.26 -38.26 -17.09
N LYS B 426 -4.27 -38.43 -17.96
CA LYS B 426 -4.78 -37.38 -18.85
C LYS B 426 -6.32 -37.43 -18.85
N ALA B 427 -6.94 -36.26 -18.90
CA ALA B 427 -8.41 -36.07 -18.96
C ALA B 427 -8.73 -34.85 -19.81
N LYS B 428 -9.89 -34.85 -20.44
CA LYS B 428 -10.41 -33.63 -21.06
C LYS B 428 -10.59 -32.58 -19.96
N GLY B 429 -10.30 -31.33 -20.33
CA GLY B 429 -10.64 -30.12 -19.56
C GLY B 429 -12.12 -30.07 -19.28
N GLY B 430 -12.50 -29.74 -18.05
CA GLY B 430 -13.91 -29.72 -17.65
C GLY B 430 -14.48 -31.09 -17.41
N SER B 431 -13.63 -32.11 -17.18
CA SER B 431 -14.06 -33.49 -16.83
C SER B 431 -13.28 -34.05 -15.64
N ASN B 432 -13.83 -35.11 -15.07
CA ASN B 432 -13.12 -35.91 -14.04
C ASN B 432 -12.56 -37.18 -14.66
N ASP B 433 -12.40 -37.24 -15.98
CA ASP B 433 -12.20 -38.56 -16.63
C ASP B 433 -10.69 -38.81 -16.82
N PHE B 434 -9.94 -38.99 -15.73
CA PHE B 434 -8.50 -39.34 -15.74
C PHE B 434 -8.27 -40.81 -16.09
N GLU B 435 -7.27 -41.04 -16.93
CA GLU B 435 -6.79 -42.39 -17.33
C GLU B 435 -5.25 -42.32 -17.35
N VAL B 436 -4.58 -43.36 -16.87
CA VAL B 436 -3.12 -43.53 -17.08
C VAL B 436 -2.89 -43.77 -18.58
N VAL B 437 -2.14 -42.87 -19.23
CA VAL B 437 -1.92 -42.87 -20.69
C VAL B 437 -0.45 -43.22 -20.95
N TYR B 438 0.42 -43.07 -19.95
CA TYR B 438 1.89 -43.22 -20.10
C TYR B 438 2.51 -43.63 -18.75
N GLN B 439 3.49 -44.56 -18.78
CA GLN B 439 4.21 -45.04 -17.59
C GLN B 439 5.53 -45.64 -18.08
N GLN B 440 6.67 -45.02 -17.73
CA GLN B 440 8.01 -45.57 -18.02
C GLN B 440 8.21 -46.87 -17.21
N ALA B 441 8.85 -47.86 -17.85
CA ALA B 441 8.98 -49.22 -17.29
C ALA B 441 10.45 -49.69 -17.23
N SER B 442 11.39 -48.93 -17.81
CA SER B 442 12.83 -49.28 -17.84
C SER B 442 13.67 -48.03 -18.04
N GLY B 443 14.97 -48.16 -17.75
CA GLY B 443 15.96 -47.06 -17.78
C GLY B 443 16.24 -46.58 -16.35
N VAL B 444 17.21 -45.67 -16.16
CA VAL B 444 17.57 -45.21 -14.77
C VAL B 444 16.30 -44.69 -14.08
N LYS B 445 16.24 -44.82 -12.75
CA LYS B 445 15.08 -44.43 -11.94
C LYS B 445 15.40 -43.09 -11.29
N PHE B 446 14.37 -42.33 -10.92
CA PHE B 446 14.49 -40.94 -10.44
C PHE B 446 14.00 -40.79 -9.00
N ASP B 447 14.73 -39.98 -8.24
CA ASP B 447 14.49 -39.67 -6.81
C ASP B 447 13.39 -38.60 -6.72
N HIS B 448 13.51 -37.57 -7.56
CA HIS B 448 12.58 -36.42 -7.56
C HIS B 448 12.81 -35.59 -8.81
N GLY B 449 11.95 -34.61 -9.02
CA GLY B 449 12.11 -33.73 -10.19
C GLY B 449 11.11 -32.62 -10.11
N THR B 450 11.06 -31.80 -11.14
CA THR B 450 10.24 -30.57 -11.23
C THR B 450 9.76 -30.44 -12.70
N ILE B 451 8.52 -29.97 -12.96
CA ILE B 451 7.87 -30.08 -14.30
C ILE B 451 7.53 -28.67 -14.78
N HIS B 452 7.79 -28.42 -16.05
CA HIS B 452 7.37 -27.20 -16.78
C HIS B 452 6.57 -27.64 -17.98
N ILE B 453 5.41 -27.00 -18.19
CA ILE B 453 4.51 -27.32 -19.34
C ILE B 453 4.66 -26.21 -20.37
N GLU B 454 4.88 -26.54 -21.64
CA GLU B 454 5.16 -25.59 -22.73
C GLU B 454 5.08 -26.28 -24.09
N ASN B 455 4.58 -25.60 -25.16
CA ASN B 455 4.37 -26.09 -26.56
C ASN B 455 3.81 -27.52 -26.56
N GLY B 456 2.86 -27.85 -25.68
CA GLY B 456 2.19 -29.15 -25.66
C GLY B 456 3.11 -30.27 -25.18
N LYS B 457 4.12 -29.90 -24.38
CA LYS B 457 5.11 -30.81 -23.77
C LYS B 457 5.27 -30.58 -22.26
N ALA B 458 5.56 -31.67 -21.55
CA ALA B 458 6.13 -31.67 -20.20
C ALA B 458 7.66 -31.76 -20.32
N TYR B 459 8.34 -30.79 -19.72
CA TYR B 459 9.80 -30.77 -19.46
C TYR B 459 9.95 -31.31 -18.04
N TYR B 460 10.32 -32.57 -17.93
CA TYR B 460 10.51 -33.19 -16.61
C TYR B 460 12.01 -33.18 -16.32
N TYR B 461 12.43 -32.34 -15.39
CA TYR B 461 13.84 -32.08 -14.97
C TYR B 461 14.06 -32.93 -13.72
N LEU B 462 14.89 -33.96 -13.83
CA LEU B 462 14.87 -35.10 -12.89
C LEU B 462 16.27 -35.33 -12.32
N MET B 463 16.31 -35.75 -11.06
CA MET B 463 17.53 -36.27 -10.41
C MET B 463 17.42 -37.80 -10.32
N GLU B 464 18.50 -38.48 -10.70
CA GLU B 464 18.64 -39.96 -10.72
C GLU B 464 18.86 -40.44 -9.27
N LYS B 465 18.12 -41.46 -8.84
CA LYS B 465 18.30 -42.19 -7.57
C LYS B 465 19.73 -42.72 -7.47
N GLY B 466 20.39 -42.44 -6.34
CA GLY B 466 21.78 -42.85 -6.07
C GLY B 466 22.14 -42.54 -4.64
N ALA B 467 23.25 -43.10 -4.14
CA ALA B 467 23.80 -42.73 -2.82
C ALA B 467 24.71 -41.51 -2.97
N GLY B 468 24.83 -40.68 -1.93
CA GLY B 468 25.80 -39.57 -1.95
C GLY B 468 25.15 -38.25 -2.34
N ASN B 469 25.97 -37.20 -2.47
CA ASN B 469 25.46 -35.80 -2.49
C ASN B 469 25.90 -35.18 -3.80
N ALA B 470 26.25 -36.03 -4.79
CA ALA B 470 26.58 -35.63 -6.18
C ALA B 470 25.91 -36.61 -7.11
N LEU B 471 24.68 -36.32 -7.53
CA LEU B 471 23.87 -37.31 -8.30
C LEU B 471 23.57 -36.70 -9.65
N PRO B 472 23.35 -37.52 -10.71
CA PRO B 472 23.13 -37.03 -12.06
C PRO B 472 21.76 -36.34 -12.23
N LEU B 473 21.69 -35.33 -13.10
CA LEU B 473 20.40 -34.74 -13.53
C LEU B 473 20.11 -35.16 -14.97
N HIS B 474 18.84 -35.41 -15.26
CA HIS B 474 18.37 -35.71 -16.63
C HIS B 474 17.23 -34.78 -16.98
N LEU B 475 17.12 -34.48 -18.26
CA LEU B 475 15.92 -33.83 -18.86
C LEU B 475 15.17 -34.83 -19.73
N GLN B 476 13.89 -35.07 -19.41
CA GLN B 476 12.94 -35.74 -20.34
C GLN B 476 12.01 -34.67 -20.91
N VAL B 477 11.74 -34.80 -22.20
CA VAL B 477 10.71 -34.01 -22.91
C VAL B 477 9.62 -35.01 -23.33
N ILE B 478 8.43 -34.82 -22.80
CA ILE B 478 7.28 -35.74 -22.91
C ILE B 478 6.23 -35.03 -23.74
N ASP B 479 5.95 -35.51 -24.93
CA ASP B 479 4.92 -34.89 -25.80
C ASP B 479 3.57 -35.26 -25.23
N LEU B 480 2.70 -34.27 -24.98
CA LEU B 480 1.41 -34.57 -24.31
C LEU B 480 0.27 -34.92 -25.28
N GLY B 481 0.50 -35.03 -26.59
CA GLY B 481 -0.57 -35.45 -27.50
C GLY B 481 -1.69 -34.43 -27.68
N VAL B 482 -1.38 -33.17 -27.50
CA VAL B 482 -2.41 -32.11 -27.63
C VAL B 482 -2.08 -31.23 -28.83
N THR B 483 -0.96 -31.49 -29.46
CA THR B 483 -0.55 -30.74 -30.66
C THR B 483 -0.15 -31.78 -31.72
CA CA C . 14.68 23.34 -1.85
CA CA D . -23.57 11.70 -8.15
S SO4 E . -36.93 15.19 -8.55
O1 SO4 E . -36.28 13.91 -8.57
O2 SO4 E . -36.44 15.98 -7.46
O3 SO4 E . -38.37 14.97 -8.38
O4 SO4 E . -36.67 15.88 -9.77
S SO4 F . -4.85 23.01 -10.74
O1 SO4 F . -4.63 21.61 -10.99
O2 SO4 F . -5.11 23.20 -9.33
O3 SO4 F . -3.70 23.76 -11.12
O4 SO4 F . -5.99 23.46 -11.50
CA CA G . -7.42 -23.51 13.36
CA CA H . 26.07 -8.22 -4.19
S SO4 I . -14.68 -34.58 16.39
O1 SO4 I . -15.52 -34.04 17.43
O2 SO4 I . -13.61 -35.33 17.00
O3 SO4 I . -14.11 -33.50 15.62
O4 SO4 I . -15.47 -35.44 15.55
#